data_4A9A
#
_entry.id   4A9A
#
_cell.length_a   86.200
_cell.length_b   224.890
_cell.length_c   84.890
_cell.angle_alpha   90.00
_cell.angle_beta   90.00
_cell.angle_gamma   90.00
#
_symmetry.space_group_name_H-M   'P 21 21 2'
#
loop_
_entity.id
_entity.type
_entity.pdbx_description
1 polymer 'RIBOSOME-INTERACTING GTPASE 1'
2 polymer 'TRANSLATION MACHINERY-ASSOCIATED PROTEIN 46'
3 water water
#
loop_
_entity_poly.entity_id
_entity_poly.type
_entity_poly.pdbx_seq_one_letter_code
_entity_poly.pdbx_strand_id
1 'polypeptide(L)'
;MHHHHHHMSTTVEKIKAIEDEMARTQKNKATSFHLGQLKAKLAKLRRELLTSASSGSGGGAGIGFDVARTGVASVGFVGF
PSVGKSTLLSKLTGTESEAAEYEFTTLVTVPGVIRYKGAKIQMLDLPGIIDGAKDGRGRGKQVIAVARTCNLLFIILDVN
KPLHHKQIIEKELEGVGIRLNKTPPDILIKKKEKGGISITNTVPLTHLGNDEIRAVMSEYRINSAEIAFRCDATVDDLID
VLEASSRRYMPAIYVLNKIDSLSIEELELLYRIPNAVPISSGQDWNLDELLQVMWDRLNLVRIYTKPKGQIPDFTDPVVL
RSDRCSVKDFCNQIHKSLVDDFRNALVYGSSVKHQPQYVGLSHILEDEDVVTILKK
;
A,B
2 'polypeptide(L)'
;MEQKRLERESLEKQPKITLEEFIETERGKLDKSKLTPITIANFAQWKKDHVIAKINAEKKLSSKRKPTGREIILKMSAEN
KSFETDNADMPDDVTQGSAWDLTEFTDALKKADHQDDGGIKDYGDGSNPTFDIKKANSATLA
;
C,D
#
# COMPACT_ATOMS: atom_id res chain seq x y z
N SER A 9 4.30 20.67 18.75
CA SER A 9 5.65 20.94 18.18
C SER A 9 5.83 22.42 17.81
N THR A 10 7.09 22.85 17.77
CA THR A 10 7.41 24.19 17.32
C THR A 10 6.83 24.42 15.92
N THR A 11 6.94 23.40 15.06
CA THR A 11 6.44 23.49 13.69
C THR A 11 4.91 23.65 13.61
N VAL A 12 4.18 23.06 14.55
CA VAL A 12 2.72 23.24 14.58
C VAL A 12 2.36 24.57 15.24
N GLU A 13 3.23 25.05 16.12
CA GLU A 13 3.09 26.36 16.75
C GLU A 13 3.36 27.47 15.72
N LYS A 14 4.32 27.22 14.84
CA LYS A 14 4.71 28.17 13.80
C LYS A 14 3.57 28.45 12.82
N ILE A 15 2.78 27.41 12.53
CA ILE A 15 1.64 27.51 11.63
C ILE A 15 0.55 28.39 12.25
N LYS A 16 0.24 28.16 13.52
CA LYS A 16 -0.81 28.93 14.17
C LYS A 16 -0.45 30.41 14.23
N ALA A 17 0.82 30.70 14.54
CA ALA A 17 1.30 32.08 14.59
C ALA A 17 1.10 32.83 13.28
N ILE A 18 1.30 32.16 12.15
CA ILE A 18 1.08 32.75 10.84
C ILE A 18 -0.40 32.92 10.52
N GLU A 19 -1.21 31.90 10.82
CA GLU A 19 -2.65 32.02 10.61
C GLU A 19 -3.20 33.21 11.40
N ASP A 20 -2.72 33.36 12.63
CA ASP A 20 -3.10 34.48 13.49
C ASP A 20 -2.72 35.83 12.89
N GLU A 21 -1.48 35.97 12.42
CA GLU A 21 -1.01 37.24 11.86
C GLU A 21 -1.85 37.63 10.66
N MET A 22 -2.10 36.68 9.77
CA MET A 22 -2.90 36.92 8.58
C MET A 22 -4.30 37.45 8.91
N ALA A 23 -4.94 36.85 9.92
CA ALA A 23 -6.29 37.23 10.33
C ALA A 23 -6.39 38.68 10.85
N ARG A 24 -5.32 39.18 11.46
CA ARG A 24 -5.30 40.55 12.03
C ARG A 24 -4.62 41.58 11.14
N THR A 25 -4.09 41.13 10.01
CA THR A 25 -3.49 42.01 9.01
C THR A 25 -4.53 42.36 7.95
N GLN A 26 -4.79 43.65 7.78
CA GLN A 26 -5.68 44.10 6.71
C GLN A 26 -4.92 44.01 5.38
N LYS A 27 -5.67 43.81 4.30
CA LYS A 27 -5.08 43.48 3.00
C LYS A 27 -5.09 44.70 2.10
N ASN A 28 -3.92 45.30 1.89
CA ASN A 28 -3.78 46.45 1.00
C ASN A 28 -2.51 46.39 0.16
N LYS A 29 -2.27 47.45 -0.61
CA LYS A 29 -1.09 47.58 -1.45
C LYS A 29 0.20 47.42 -0.64
N ALA A 30 0.22 47.99 0.57
CA ALA A 30 1.41 47.96 1.42
C ALA A 30 1.69 46.61 2.09
N THR A 31 0.64 45.86 2.40
CA THR A 31 0.81 44.60 3.13
C THR A 31 0.95 43.38 2.21
N SER A 32 0.72 43.55 0.92
CA SER A 32 0.54 42.40 0.03
C SER A 32 1.79 41.56 -0.11
N PHE A 33 2.95 42.19 -0.22
CA PHE A 33 4.22 41.47 -0.23
C PHE A 33 4.38 40.55 0.98
N HIS A 34 4.37 41.13 2.18
CA HIS A 34 4.44 40.34 3.40
C HIS A 34 3.43 39.22 3.44
N LEU A 35 2.17 39.52 3.11
CA LEU A 35 1.14 38.49 3.16
C LEU A 35 1.44 37.38 2.15
N GLY A 36 2.05 37.76 1.03
CA GLY A 36 2.48 36.78 0.03
C GLY A 36 3.52 35.84 0.60
N GLN A 37 4.52 36.42 1.27
CA GLN A 37 5.51 35.64 1.97
C GLN A 37 4.88 34.76 3.05
N LEU A 38 3.88 35.30 3.75
CA LEU A 38 3.26 34.53 4.84
C LEU A 38 2.58 33.27 4.31
N LYS A 39 1.79 33.42 3.25
CA LYS A 39 1.15 32.31 2.56
C LYS A 39 2.17 31.24 2.17
N ALA A 40 3.32 31.67 1.67
CA ALA A 40 4.40 30.79 1.25
C ALA A 40 5.07 30.10 2.43
N LYS A 41 5.35 30.86 3.49
CA LYS A 41 5.86 30.31 4.74
C LYS A 41 4.92 29.22 5.24
N LEU A 42 3.63 29.53 5.19
CA LEU A 42 2.59 28.65 5.66
C LEU A 42 2.56 27.36 4.85
N ALA A 43 2.57 27.51 3.53
CA ALA A 43 2.55 26.36 2.64
C ALA A 43 3.71 25.41 2.90
N LYS A 44 4.91 25.96 3.05
CA LYS A 44 6.12 25.16 3.24
C LYS A 44 6.01 24.35 4.52
N LEU A 45 5.58 25.01 5.59
CA LEU A 45 5.40 24.37 6.88
C LEU A 45 4.42 23.19 6.77
N ARG A 46 3.27 23.44 6.17
CA ARG A 46 2.24 22.41 6.03
C ARG A 46 2.70 21.16 5.27
N ARG A 47 3.51 21.35 4.23
CA ARG A 47 4.08 20.23 3.51
C ARG A 47 5.03 19.42 4.39
N GLU A 48 5.77 20.10 5.25
CA GLU A 48 6.69 19.42 6.15
C GLU A 48 5.97 18.41 7.05
N LEU A 49 4.71 18.69 7.36
CA LEU A 49 3.89 17.76 8.16
C LEU A 49 3.63 16.42 7.47
N LEU A 50 3.56 16.43 6.14
CA LEU A 50 3.34 15.21 5.36
C LEU A 50 4.60 14.36 5.22
N THR A 51 5.76 15.01 5.33
CA THR A 51 7.09 14.40 5.17
C THR A 51 7.34 13.28 6.16
N SER A 52 7.72 12.12 5.64
CA SER A 52 7.93 10.91 6.42
C SER A 52 9.26 10.22 6.08
N GLY A 60 5.35 4.91 1.19
CA GLY A 60 4.68 3.95 2.03
C GLY A 60 3.68 4.62 2.95
N ALA A 61 2.66 5.24 2.37
CA ALA A 61 1.60 5.91 3.14
C ALA A 61 0.23 5.89 2.45
N GLY A 62 -0.84 5.90 3.23
CA GLY A 62 -2.20 5.91 2.68
C GLY A 62 -2.64 4.57 2.13
N ILE A 63 -3.54 4.61 1.16
CA ILE A 63 -4.14 3.38 0.64
C ILE A 63 -3.09 2.45 0.07
N GLY A 64 -3.14 1.19 0.47
CA GLY A 64 -2.15 0.21 0.06
C GLY A 64 -1.04 0.05 1.06
N PHE A 65 -1.07 0.86 2.12
CA PHE A 65 0.01 0.92 3.11
C PHE A 65 -0.56 1.08 4.50
N ASP A 66 -1.25 2.18 4.73
CA ASP A 66 -1.91 2.42 5.99
C ASP A 66 -3.26 1.67 6.13
N VAL A 67 -3.89 1.31 5.00
CA VAL A 67 -5.04 0.38 4.95
C VAL A 67 -4.88 -0.48 3.70
N ALA A 68 -5.32 -1.72 3.73
CA ALA A 68 -5.25 -2.56 2.52
C ALA A 68 -6.10 -1.98 1.40
N ARG A 69 -5.55 -1.91 0.20
CA ARG A 69 -6.33 -1.56 -0.98
C ARG A 69 -7.14 -2.78 -1.38
N THR A 70 -8.45 -2.60 -1.48
CA THR A 70 -9.35 -3.71 -1.78
C THR A 70 -10.26 -3.45 -2.99
N GLY A 71 -9.97 -2.41 -3.77
CA GLY A 71 -10.66 -2.18 -5.04
C GLY A 71 -9.77 -1.58 -6.13
N VAL A 72 -10.28 -1.46 -7.35
CA VAL A 72 -9.61 -0.66 -8.38
C VAL A 72 -9.65 0.83 -8.07
N ALA A 73 -10.63 1.24 -7.27
CA ALA A 73 -10.70 2.62 -6.80
C ALA A 73 -11.15 2.67 -5.35
N SER A 74 -10.75 3.72 -4.66
CA SER A 74 -11.08 3.88 -3.27
C SER A 74 -11.69 5.23 -3.16
N VAL A 75 -12.76 5.30 -2.38
CA VAL A 75 -13.58 6.47 -2.33
C VAL A 75 -13.81 6.87 -0.87
N GLY A 76 -13.59 8.15 -0.56
CA GLY A 76 -13.59 8.64 0.83
C GLY A 76 -14.80 9.50 1.18
N PHE A 77 -15.36 9.28 2.36
CA PHE A 77 -16.51 10.05 2.83
C PHE A 77 -16.05 10.96 3.93
N VAL A 78 -16.41 12.24 3.84
CA VAL A 78 -16.09 13.22 4.85
C VAL A 78 -17.35 13.94 5.27
N GLY A 79 -17.69 13.84 6.54
CA GLY A 79 -18.88 14.53 7.03
C GLY A 79 -18.98 14.48 8.54
N PHE A 80 -19.62 15.49 9.13
CA PHE A 80 -19.96 15.46 10.54
C PHE A 80 -20.95 14.36 10.88
N PRO A 81 -20.79 13.77 12.07
CA PRO A 81 -21.61 12.65 12.51
C PRO A 81 -23.09 13.01 12.47
N SER A 82 -23.90 12.12 11.90
CA SER A 82 -25.33 12.35 11.83
C SER A 82 -26.07 11.08 11.45
N VAL A 83 -27.36 11.09 11.70
CA VAL A 83 -28.21 9.99 11.31
C VAL A 83 -28.28 9.90 9.77
N GLY A 84 -28.27 11.05 9.09
CA GLY A 84 -28.30 11.10 7.63
C GLY A 84 -27.10 10.39 7.03
N LYS A 85 -25.92 10.70 7.55
CA LYS A 85 -24.68 10.13 7.02
C LYS A 85 -24.55 8.63 7.33
N SER A 86 -24.98 8.20 8.51
CA SER A 86 -24.96 6.77 8.84
C SER A 86 -25.89 5.96 7.96
N THR A 87 -27.03 6.54 7.62
CA THR A 87 -28.00 5.86 6.78
C THR A 87 -27.46 5.82 5.36
N LEU A 88 -26.89 6.94 4.93
CA LEU A 88 -26.25 7.00 3.64
C LEU A 88 -25.26 5.85 3.46
N LEU A 89 -24.28 5.75 4.36
CA LEU A 89 -23.21 4.76 4.19
C LEU A 89 -23.79 3.36 4.23
N SER A 90 -24.71 3.12 5.17
CA SER A 90 -25.34 1.82 5.31
C SER A 90 -26.05 1.42 4.03
N LYS A 91 -26.73 2.40 3.42
CA LYS A 91 -27.48 2.17 2.22
C LYS A 91 -26.61 1.97 1.00
N LEU A 92 -25.59 2.77 0.83
CA LEU A 92 -24.67 2.62 -0.31
C LEU A 92 -23.94 1.30 -0.29
N THR A 93 -23.66 0.78 0.91
CA THR A 93 -22.79 -0.39 1.04
C THR A 93 -23.55 -1.66 1.33
N GLY A 94 -24.81 -1.51 1.73
CA GLY A 94 -25.70 -2.65 1.93
C GLY A 94 -25.59 -3.31 3.30
N THR A 95 -24.66 -2.84 4.11
CA THR A 95 -24.46 -3.41 5.46
C THR A 95 -24.61 -2.32 6.50
N GLU A 96 -25.28 -2.67 7.59
CA GLU A 96 -25.51 -1.75 8.71
C GLU A 96 -24.17 -1.37 9.35
N SER A 97 -24.06 -0.09 9.71
CA SER A 97 -22.89 0.42 10.40
C SER A 97 -22.45 -0.45 11.58
N GLU A 98 -21.15 -0.71 11.66
CA GLU A 98 -20.57 -1.53 12.74
C GLU A 98 -20.13 -0.65 13.93
N ALA A 99 -19.88 -1.29 15.08
CA ALA A 99 -19.46 -0.60 16.33
C ALA A 99 -18.52 0.60 16.09
N ALA A 100 -17.43 0.34 15.37
CA ALA A 100 -16.38 1.33 15.07
C ALA A 100 -16.84 2.54 14.24
N GLU A 101 -17.89 2.37 13.45
CA GLU A 101 -18.43 3.46 12.62
C GLU A 101 -19.20 4.53 13.42
N TYR A 102 -19.44 4.27 14.72
CA TYR A 102 -20.07 5.23 15.62
C TYR A 102 -19.10 5.98 16.54
N GLU A 103 -17.89 5.44 16.70
CA GLU A 103 -16.83 6.09 17.51
C GLU A 103 -16.23 7.28 16.77
N PHE A 104 -16.14 8.42 17.45
CA PHE A 104 -15.54 9.61 16.85
C PHE A 104 -14.02 9.67 17.11
N THR A 105 -13.56 8.92 18.13
CA THR A 105 -12.12 8.72 18.37
C THR A 105 -11.46 7.87 17.27
N THR A 106 -12.27 7.12 16.53
CA THR A 106 -11.79 6.28 15.44
C THR A 106 -11.49 7.19 14.25
N LEU A 107 -10.53 6.82 13.41
CA LEU A 107 -10.04 7.79 12.46
C LEU A 107 -10.47 7.48 11.04
N VAL A 108 -10.52 6.18 10.73
CA VAL A 108 -10.90 5.68 9.42
C VAL A 108 -11.67 4.38 9.64
N THR A 109 -12.73 4.17 8.89
CA THR A 109 -13.36 2.86 8.85
C THR A 109 -13.61 2.49 7.40
N VAL A 110 -13.86 1.21 7.15
CA VAL A 110 -14.37 0.75 5.86
C VAL A 110 -15.83 0.33 5.99
N PRO A 111 -16.76 1.24 5.71
CA PRO A 111 -18.19 0.91 5.65
C PRO A 111 -18.49 -0.29 4.75
N GLY A 112 -17.67 -0.49 3.71
CA GLY A 112 -17.82 -1.63 2.82
C GLY A 112 -17.28 -1.45 1.40
N VAL A 113 -17.23 -2.57 0.70
CA VAL A 113 -16.78 -2.58 -0.69
C VAL A 113 -17.99 -2.84 -1.57
N ILE A 114 -18.18 -2.04 -2.61
CA ILE A 114 -19.25 -2.34 -3.57
C ILE A 114 -18.68 -2.76 -4.93
N ARG A 115 -19.56 -3.27 -5.78
CA ARG A 115 -19.23 -3.55 -7.15
C ARG A 115 -20.23 -2.78 -8.00
N TYR A 116 -19.68 -2.00 -8.90
CA TYR A 116 -20.46 -1.11 -9.74
C TYR A 116 -19.86 -1.24 -11.13
N LYS A 117 -20.71 -1.61 -12.09
CA LYS A 117 -20.31 -1.86 -13.48
C LYS A 117 -19.06 -2.71 -13.55
N GLY A 118 -18.97 -3.70 -12.65
CA GLY A 118 -17.88 -4.66 -12.73
C GLY A 118 -16.66 -4.26 -11.93
N ALA A 119 -16.59 -3.00 -11.52
CA ALA A 119 -15.45 -2.53 -10.72
C ALA A 119 -15.70 -2.64 -9.21
N LYS A 120 -14.74 -3.21 -8.48
CA LYS A 120 -14.77 -3.21 -7.03
C LYS A 120 -14.36 -1.83 -6.51
N ILE A 121 -15.23 -1.17 -5.75
CA ILE A 121 -14.89 0.13 -5.21
C ILE A 121 -14.92 0.07 -3.69
N GLN A 122 -13.79 0.38 -3.07
CA GLN A 122 -13.66 0.44 -1.63
C GLN A 122 -14.22 1.76 -1.11
N MET A 123 -15.11 1.69 -0.12
CA MET A 123 -15.65 2.92 0.46
C MET A 123 -15.13 3.14 1.87
N LEU A 124 -14.40 4.23 2.07
CA LEU A 124 -13.86 4.57 3.40
C LEU A 124 -14.55 5.76 4.03
N ASP A 125 -14.70 5.71 5.34
CA ASP A 125 -15.21 6.87 6.08
C ASP A 125 -14.03 7.51 6.80
N LEU A 126 -13.96 8.83 6.74
CA LEU A 126 -12.80 9.56 7.24
C LEU A 126 -13.13 10.61 8.32
N PRO A 127 -13.77 10.19 9.43
CA PRO A 127 -14.08 11.17 10.47
C PRO A 127 -12.82 11.83 11.05
N GLY A 128 -11.69 11.12 10.98
CA GLY A 128 -10.41 11.65 11.45
C GLY A 128 -9.98 13.01 10.88
N ILE A 129 -10.42 13.33 9.68
CA ILE A 129 -10.14 14.63 9.07
C ILE A 129 -10.77 15.80 9.87
N ILE A 130 -11.80 15.51 10.65
CA ILE A 130 -12.46 16.49 11.51
C ILE A 130 -12.15 16.23 12.99
N ASP A 131 -11.31 17.05 13.61
CA ASP A 131 -10.91 16.82 15.02
C ASP A 131 -10.66 18.09 15.85
N GLY A 132 -11.71 18.89 16.01
CA GLY A 132 -11.65 20.13 16.77
C GLY A 132 -13.01 20.79 16.93
N GLY A 138 1.15 10.57 14.85
CA GLY A 138 1.43 9.22 14.38
C GLY A 138 0.28 8.69 13.55
N ARG A 139 -0.79 8.29 14.24
CA ARG A 139 -2.03 7.83 13.60
C ARG A 139 -2.80 8.96 12.89
N GLY A 140 -2.59 10.20 13.33
CA GLY A 140 -3.22 11.37 12.71
C GLY A 140 -2.73 11.56 11.29
N LYS A 141 -1.46 11.24 11.06
CA LYS A 141 -0.89 11.31 9.73
C LYS A 141 -1.40 10.19 8.80
N GLN A 142 -1.83 9.07 9.38
CA GLN A 142 -2.36 7.94 8.61
C GLN A 142 -3.68 8.29 7.98
N VAL A 143 -4.56 8.92 8.74
CA VAL A 143 -5.84 9.34 8.15
C VAL A 143 -5.63 10.39 7.03
N ILE A 144 -4.71 11.32 7.25
CA ILE A 144 -4.39 12.32 6.24
C ILE A 144 -3.88 11.65 4.97
N ALA A 145 -2.93 10.72 5.13
CA ALA A 145 -2.39 10.01 3.97
C ALA A 145 -3.47 9.24 3.22
N VAL A 146 -4.38 8.62 3.97
CA VAL A 146 -5.46 7.90 3.35
C VAL A 146 -6.30 8.89 2.55
N ALA A 147 -6.62 10.03 3.16
CA ALA A 147 -7.49 11.01 2.51
C ALA A 147 -6.84 11.41 1.19
N ARG A 148 -5.55 11.69 1.25
CA ARG A 148 -4.79 12.16 0.11
C ARG A 148 -4.72 11.14 -1.02
N THR A 149 -4.89 9.87 -0.68
CA THR A 149 -4.70 8.82 -1.68
C THR A 149 -5.99 8.17 -2.14
N CYS A 150 -7.13 8.70 -1.70
CA CYS A 150 -8.42 8.37 -2.30
C CYS A 150 -8.52 8.87 -3.76
N ASN A 151 -9.38 8.24 -4.55
CA ASN A 151 -9.59 8.63 -5.95
C ASN A 151 -10.70 9.66 -6.11
N LEU A 152 -11.59 9.71 -5.12
CA LEU A 152 -12.70 10.64 -5.12
C LEU A 152 -13.21 10.82 -3.69
N LEU A 153 -13.64 12.03 -3.34
CA LEU A 153 -14.22 12.26 -2.02
C LEU A 153 -15.70 12.65 -2.10
N PHE A 154 -16.51 12.13 -1.18
CA PHE A 154 -17.86 12.66 -0.98
C PHE A 154 -17.86 13.53 0.24
N ILE A 155 -18.32 14.77 0.09
CA ILE A 155 -18.45 15.69 1.20
C ILE A 155 -19.92 15.75 1.55
N ILE A 156 -20.25 15.26 2.73
CA ILE A 156 -21.64 15.09 3.11
C ILE A 156 -22.14 16.29 3.86
N LEU A 157 -23.16 16.95 3.32
CA LEU A 157 -23.74 18.11 4.00
C LEU A 157 -25.23 17.94 4.22
N ASP A 158 -25.72 18.66 5.21
CA ASP A 158 -27.15 18.74 5.46
C ASP A 158 -27.54 20.08 4.85
N VAL A 159 -28.39 20.03 3.84
CA VAL A 159 -28.69 21.21 3.05
C VAL A 159 -29.43 22.24 3.89
N ASN A 160 -29.89 21.87 5.08
CA ASN A 160 -30.46 22.85 5.98
C ASN A 160 -29.45 23.67 6.76
N LYS A 161 -28.18 23.25 6.74
CA LYS A 161 -27.10 23.93 7.48
C LYS A 161 -25.74 23.65 6.85
N PRO A 162 -25.61 23.86 5.54
CA PRO A 162 -24.39 23.43 4.87
C PRO A 162 -23.11 24.23 5.15
N LEU A 163 -23.21 25.54 5.40
CA LEU A 163 -22.03 26.41 5.25
C LEU A 163 -20.97 26.22 6.29
N HIS A 164 -21.35 26.23 7.56
CA HIS A 164 -20.37 26.04 8.62
C HIS A 164 -19.59 24.78 8.37
N HIS A 165 -20.27 23.66 8.18
CA HIS A 165 -19.59 22.38 8.00
C HIS A 165 -18.73 22.30 6.76
N LYS A 166 -19.19 22.90 5.67
CA LYS A 166 -18.48 22.88 4.41
C LYS A 166 -17.17 23.61 4.57
N GLN A 167 -17.23 24.73 5.26
CA GLN A 167 -16.07 25.57 5.43
C GLN A 167 -14.97 24.85 6.20
N ILE A 168 -15.33 24.10 7.25
CA ILE A 168 -14.36 23.33 8.04
C ILE A 168 -13.76 22.19 7.22
N ILE A 169 -14.62 21.48 6.51
CA ILE A 169 -14.18 20.33 5.76
C ILE A 169 -13.16 20.77 4.70
N GLU A 170 -13.51 21.83 3.98
CA GLU A 170 -12.61 22.36 2.98
C GLU A 170 -11.31 22.82 3.59
N LYS A 171 -11.36 23.63 4.63
CA LYS A 171 -10.12 24.10 5.28
C LYS A 171 -9.19 22.92 5.63
N GLU A 172 -9.75 21.86 6.20
CA GLU A 172 -8.95 20.71 6.62
C GLU A 172 -8.35 19.97 5.43
N LEU A 173 -9.14 19.79 4.38
CA LEU A 173 -8.65 19.14 3.18
C LEU A 173 -7.60 20.00 2.43
N GLU A 174 -7.91 21.28 2.16
CA GLU A 174 -6.93 22.17 1.54
C GLU A 174 -5.68 22.16 2.39
N GLY A 175 -5.84 22.27 3.70
CA GLY A 175 -4.72 22.33 4.63
C GLY A 175 -3.70 21.21 4.50
N VAL A 176 -4.15 20.05 4.04
CA VAL A 176 -3.26 18.89 3.90
C VAL A 176 -2.96 18.62 2.43
N GLY A 177 -3.13 19.66 1.61
CA GLY A 177 -2.66 19.67 0.23
C GLY A 177 -3.56 19.01 -0.78
N ILE A 178 -4.81 18.80 -0.42
CA ILE A 178 -5.79 18.24 -1.34
C ILE A 178 -6.45 19.39 -2.08
N ARG A 179 -6.57 19.26 -3.38
CA ARG A 179 -7.18 20.29 -4.20
C ARG A 179 -8.36 19.69 -4.90
N LEU A 180 -9.55 20.11 -4.44
CA LEU A 180 -10.84 19.54 -4.84
C LEU A 180 -11.33 20.11 -6.15
N ASN A 181 -11.61 19.21 -7.10
CA ASN A 181 -12.19 19.60 -8.40
C ASN A 181 -11.32 20.61 -9.16
N LYS A 182 -10.02 20.38 -9.13
CA LYS A 182 -9.09 21.28 -9.78
C LYS A 182 -8.15 20.52 -10.68
N THR A 183 -7.73 21.17 -11.75
CA THR A 183 -6.64 20.70 -12.58
C THR A 183 -5.44 21.55 -12.16
N PRO A 184 -4.20 21.00 -12.24
CA PRO A 184 -3.03 21.84 -11.93
C PRO A 184 -3.05 23.10 -12.78
N PRO A 185 -2.68 24.25 -12.19
CA PRO A 185 -2.63 25.54 -12.90
C PRO A 185 -1.61 25.53 -14.04
N ASP A 186 -1.90 26.26 -15.11
CA ASP A 186 -0.97 26.28 -16.22
C ASP A 186 0.09 27.38 -16.08
N ILE A 187 1.03 27.10 -15.18
CA ILE A 187 2.18 27.96 -14.94
C ILE A 187 3.42 27.10 -15.13
N LEU A 188 4.35 27.58 -15.94
CA LEU A 188 5.66 26.94 -16.05
C LEU A 188 6.72 27.71 -15.29
N ILE A 189 7.51 27.00 -14.49
CA ILE A 189 8.63 27.60 -13.78
C ILE A 189 9.95 26.97 -14.19
N LYS A 190 10.77 27.75 -14.86
CA LYS A 190 12.09 27.30 -15.28
C LYS A 190 13.12 28.05 -14.42
N LYS A 191 13.88 27.30 -13.62
CA LYS A 191 14.86 27.90 -12.72
C LYS A 191 16.13 28.34 -13.45
N LYS A 192 16.54 29.58 -13.20
CA LYS A 192 17.66 30.20 -13.91
C LYS A 192 18.89 30.41 -13.02
N GLU A 193 19.99 30.83 -13.63
CA GLU A 193 21.26 31.07 -12.93
C GLU A 193 21.40 32.52 -12.46
N LYS A 194 21.21 33.44 -13.39
CA LYS A 194 21.45 34.87 -13.17
C LYS A 194 20.19 35.68 -13.51
N GLY A 195 20.23 36.97 -13.22
CA GLY A 195 19.21 37.91 -13.69
C GLY A 195 17.84 37.83 -13.03
N GLY A 196 17.78 37.24 -11.85
CA GLY A 196 16.58 37.26 -11.00
C GLY A 196 15.33 36.65 -11.59
N ILE A 197 14.18 37.14 -11.14
CA ILE A 197 12.89 36.61 -11.54
C ILE A 197 12.31 37.31 -12.78
N SER A 198 12.07 36.54 -13.84
CA SER A 198 11.47 37.05 -15.08
C SER A 198 10.11 36.37 -15.35
N ILE A 199 9.12 37.18 -15.75
CA ILE A 199 7.72 36.75 -15.81
C ILE A 199 7.07 36.92 -17.19
N THR A 200 6.48 35.84 -17.71
CA THR A 200 5.70 35.89 -18.96
C THR A 200 4.20 35.70 -18.69
N ASN A 201 3.38 36.21 -19.61
CA ASN A 201 1.95 36.33 -19.39
C ASN A 201 1.14 36.15 -20.67
N THR A 202 0.07 35.35 -20.60
CA THR A 202 -0.90 35.22 -21.70
C THR A 202 -2.13 36.09 -21.42
N VAL A 203 -3.11 35.53 -20.73
CA VAL A 203 -4.27 36.29 -20.29
C VAL A 203 -3.81 37.23 -19.17
N PRO A 204 -4.24 38.51 -19.22
CA PRO A 204 -3.88 39.48 -18.19
C PRO A 204 -4.16 38.97 -16.78
N LEU A 205 -3.34 39.39 -15.83
CA LEU A 205 -3.38 38.86 -14.47
C LEU A 205 -4.16 39.79 -13.54
N THR A 206 -5.29 39.31 -13.06
CA THR A 206 -6.21 40.11 -12.25
C THR A 206 -5.96 39.95 -10.75
N HIS A 207 -5.12 38.99 -10.37
CA HIS A 207 -4.99 38.62 -8.96
C HIS A 207 -3.59 38.67 -8.43
N LEU A 208 -2.61 38.50 -9.30
CA LEU A 208 -1.21 38.60 -8.90
C LEU A 208 -0.56 39.89 -9.37
N GLY A 209 0.26 40.48 -8.51
CA GLY A 209 1.18 41.54 -8.92
C GLY A 209 2.56 40.90 -8.98
N ASN A 210 3.51 41.57 -9.62
CA ASN A 210 4.89 41.08 -9.68
C ASN A 210 5.52 41.00 -8.28
N ASP A 211 5.22 42.02 -7.48
CA ASP A 211 5.60 42.08 -6.07
C ASP A 211 5.29 40.78 -5.34
N GLU A 212 4.04 40.33 -5.46
CA GLU A 212 3.57 39.10 -4.85
C GLU A 212 4.25 37.84 -5.40
N ILE A 213 4.48 37.81 -6.70
CA ILE A 213 5.20 36.68 -7.30
C ILE A 213 6.60 36.62 -6.73
N ARG A 214 7.29 37.77 -6.71
CA ARG A 214 8.60 37.86 -6.08
C ARG A 214 8.56 37.46 -4.62
N ALA A 215 7.48 37.84 -3.94
CA ALA A 215 7.28 37.51 -2.53
C ALA A 215 7.33 36.01 -2.32
N VAL A 216 6.63 35.29 -3.18
CA VAL A 216 6.55 33.83 -3.11
C VAL A 216 7.90 33.19 -3.48
N MET A 217 8.47 33.62 -4.61
CA MET A 217 9.70 33.03 -5.10
C MET A 217 10.87 33.20 -4.12
N SER A 218 10.95 34.38 -3.50
CA SER A 218 12.03 34.68 -2.55
C SER A 218 11.85 33.89 -1.25
N GLU A 219 10.61 33.77 -0.79
CA GLU A 219 10.33 32.95 0.38
C GLU A 219 10.73 31.49 0.14
N TYR A 220 10.56 31.04 -1.10
CA TYR A 220 11.02 29.72 -1.51
C TYR A 220 12.50 29.69 -1.83
N ARG A 221 13.19 30.77 -1.45
CA ARG A 221 14.62 30.91 -1.69
C ARG A 221 15.01 30.55 -3.12
N ILE A 222 14.20 31.01 -4.06
CA ILE A 222 14.51 30.88 -5.48
C ILE A 222 15.01 32.24 -5.98
N ASN A 223 16.33 32.34 -6.09
CA ASN A 223 17.07 33.52 -6.50
C ASN A 223 16.61 34.00 -7.87
N SER A 224 16.66 33.09 -8.84
CA SER A 224 16.48 33.44 -10.25
C SER A 224 15.68 32.37 -10.95
N ALA A 225 14.68 32.80 -11.72
CA ALA A 225 13.79 31.89 -12.44
C ALA A 225 13.00 32.58 -13.55
N GLU A 226 12.48 31.78 -14.47
CA GLU A 226 11.59 32.23 -15.53
C GLU A 226 10.21 31.57 -15.40
N ILE A 227 9.20 32.38 -15.15
CA ILE A 227 7.84 31.91 -14.86
C ILE A 227 6.85 32.33 -15.94
N ALA A 228 6.17 31.36 -16.55
CA ALA A 228 5.24 31.66 -17.64
C ALA A 228 3.79 31.37 -17.27
N PHE A 229 2.99 32.44 -17.18
CA PHE A 229 1.58 32.35 -16.81
C PHE A 229 0.62 32.23 -18.00
N ARG A 230 0.02 31.06 -18.13
CA ARG A 230 -0.99 30.82 -19.16
C ARG A 230 -2.39 30.77 -18.59
N CYS A 231 -2.56 31.32 -17.39
CA CYS A 231 -3.85 31.35 -16.70
C CYS A 231 -3.89 32.57 -15.80
N ASP A 232 -5.09 33.02 -15.47
CA ASP A 232 -5.24 34.14 -14.55
C ASP A 232 -4.97 33.64 -13.12
N ALA A 233 -3.71 33.32 -12.87
CA ALA A 233 -3.31 32.64 -11.65
C ALA A 233 -3.42 33.50 -10.40
N THR A 234 -3.85 32.83 -9.33
CA THR A 234 -3.88 33.41 -8.01
C THR A 234 -2.53 33.10 -7.32
N VAL A 235 -2.30 33.72 -6.17
CA VAL A 235 -1.07 33.47 -5.42
C VAL A 235 -1.02 32.00 -4.94
N ASP A 236 -2.15 31.45 -4.54
CA ASP A 236 -2.26 30.02 -4.17
C ASP A 236 -1.96 29.08 -5.32
N ASP A 237 -2.39 29.45 -6.53
CA ASP A 237 -2.12 28.69 -7.74
C ASP A 237 -0.61 28.57 -7.97
N LEU A 238 0.10 29.68 -7.78
CA LEU A 238 1.55 29.71 -7.96
C LEU A 238 2.19 28.79 -6.96
N ILE A 239 1.78 28.93 -5.70
CA ILE A 239 2.29 28.08 -4.64
C ILE A 239 1.99 26.61 -4.93
N ASP A 240 0.76 26.31 -5.34
CA ASP A 240 0.43 24.93 -5.69
C ASP A 240 1.43 24.35 -6.65
N VAL A 241 1.80 25.13 -7.68
CA VAL A 241 2.72 24.66 -8.72
C VAL A 241 4.09 24.38 -8.13
N LEU A 242 4.59 25.33 -7.33
CA LEU A 242 5.82 25.12 -6.58
C LEU A 242 5.75 23.88 -5.70
N GLU A 243 4.55 23.60 -5.17
CA GLU A 243 4.34 22.47 -4.28
C GLU A 243 3.76 21.28 -5.04
N ALA A 244 4.11 21.16 -6.31
CA ALA A 244 3.40 20.24 -7.20
C ALA A 244 3.62 18.81 -6.83
N SER A 245 4.77 18.50 -6.25
CA SER A 245 5.09 17.10 -6.00
C SER A 245 4.24 16.52 -4.87
N SER A 246 3.66 17.37 -4.04
CA SER A 246 2.82 16.87 -2.95
C SER A 246 1.33 17.21 -3.05
N ARG A 247 0.94 18.08 -3.96
CA ARG A 247 -0.49 18.37 -4.14
C ARG A 247 -1.22 17.16 -4.72
N ARG A 248 -2.43 16.88 -4.23
CA ARG A 248 -3.24 15.79 -4.74
C ARG A 248 -4.55 16.36 -5.22
N TYR A 249 -4.73 16.33 -6.54
CA TYR A 249 -5.92 16.89 -7.16
C TYR A 249 -6.95 15.81 -7.25
N MET A 250 -8.15 16.09 -6.75
CA MET A 250 -9.16 15.05 -6.78
C MET A 250 -10.58 15.52 -6.90
N PRO A 251 -11.40 14.72 -7.59
CA PRO A 251 -12.82 14.98 -7.74
C PRO A 251 -13.46 14.88 -6.37
N ALA A 252 -14.43 15.74 -6.10
CA ALA A 252 -15.17 15.66 -4.86
C ALA A 252 -16.60 15.92 -5.21
N ILE A 253 -17.51 15.18 -4.59
CA ILE A 253 -18.93 15.38 -4.82
C ILE A 253 -19.54 15.94 -3.56
N TYR A 254 -20.24 17.06 -3.69
CA TYR A 254 -20.96 17.63 -2.57
C TYR A 254 -22.32 16.97 -2.47
N VAL A 255 -22.48 16.13 -1.45
CA VAL A 255 -23.71 15.42 -1.27
C VAL A 255 -24.60 16.21 -0.35
N LEU A 256 -25.71 16.71 -0.89
CA LEU A 256 -26.55 17.60 -0.11
C LEU A 256 -27.79 16.86 0.37
N ASN A 257 -27.70 16.34 1.58
CA ASN A 257 -28.77 15.53 2.14
C ASN A 257 -29.93 16.38 2.62
N LYS A 258 -31.07 15.73 2.84
CA LYS A 258 -32.24 16.35 3.48
C LYS A 258 -33.07 17.24 2.57
N ILE A 259 -33.12 16.92 1.29
CA ILE A 259 -33.94 17.70 0.36
C ILE A 259 -35.45 17.68 0.68
N ASP A 260 -35.90 16.72 1.46
CA ASP A 260 -37.31 16.65 1.81
C ASP A 260 -37.77 17.83 2.68
N SER A 261 -36.83 18.62 3.18
CA SER A 261 -37.17 19.87 3.84
C SER A 261 -37.26 21.05 2.84
N LEU A 262 -37.06 20.78 1.57
CA LEU A 262 -37.08 21.84 0.58
C LEU A 262 -38.40 21.89 -0.17
N SER A 263 -38.30 21.88 -1.49
CA SER A 263 -39.44 21.94 -2.42
C SER A 263 -38.87 21.59 -3.79
N ILE A 264 -39.72 21.38 -4.78
CA ILE A 264 -39.25 21.01 -6.12
C ILE A 264 -38.41 22.14 -6.74
N GLU A 265 -38.86 23.39 -6.60
CA GLU A 265 -38.17 24.48 -7.25
C GLU A 265 -36.80 24.67 -6.61
N GLU A 266 -36.76 24.55 -5.28
CA GLU A 266 -35.50 24.63 -4.55
C GLU A 266 -34.56 23.50 -4.95
N LEU A 267 -35.10 22.28 -5.04
CA LEU A 267 -34.31 21.16 -5.50
C LEU A 267 -33.69 21.43 -6.88
N GLU A 268 -34.51 21.87 -7.84
CA GLU A 268 -34.05 22.21 -9.20
C GLU A 268 -32.88 23.18 -9.11
N LEU A 269 -33.04 24.19 -8.27
CA LEU A 269 -32.01 25.20 -8.06
C LEU A 269 -30.64 24.66 -7.59
N LEU A 270 -30.62 23.58 -6.81
CA LEU A 270 -29.34 23.03 -6.37
C LEU A 270 -28.50 22.53 -7.55
N TYR A 271 -29.16 22.16 -8.64
CA TYR A 271 -28.43 21.64 -9.80
C TYR A 271 -27.69 22.74 -10.53
N ARG A 272 -27.85 23.97 -10.08
CA ARG A 272 -27.01 25.04 -10.62
C ARG A 272 -25.65 25.15 -9.91
N ILE A 273 -25.45 24.32 -8.88
CA ILE A 273 -24.19 24.27 -8.14
C ILE A 273 -23.36 23.12 -8.69
N PRO A 274 -22.17 23.41 -9.24
CA PRO A 274 -21.29 22.36 -9.75
C PRO A 274 -20.91 21.33 -8.70
N ASN A 275 -20.84 20.07 -9.14
CA ASN A 275 -20.37 18.94 -8.33
C ASN A 275 -21.25 18.63 -7.14
N ALA A 276 -22.51 19.05 -7.21
CA ALA A 276 -23.47 18.79 -6.14
C ALA A 276 -24.41 17.72 -6.60
N VAL A 277 -24.65 16.75 -5.73
CA VAL A 277 -25.74 15.81 -5.93
C VAL A 277 -26.69 15.92 -4.74
N PRO A 278 -27.88 16.50 -4.94
CA PRO A 278 -28.82 16.58 -3.82
C PRO A 278 -29.53 15.26 -3.61
N ILE A 279 -29.67 14.84 -2.36
CA ILE A 279 -30.26 13.55 -2.03
C ILE A 279 -31.19 13.62 -0.81
N SER A 280 -31.86 12.51 -0.56
CA SER A 280 -32.50 12.28 0.70
C SER A 280 -32.13 10.86 1.05
N SER A 281 -31.37 10.69 2.12
CA SER A 281 -30.91 9.35 2.51
C SER A 281 -32.04 8.52 3.09
N GLY A 282 -33.05 9.17 3.65
CA GLY A 282 -34.22 8.48 4.16
C GLY A 282 -35.10 7.96 3.03
N GLN A 283 -35.42 8.82 2.06
CA GLN A 283 -36.28 8.41 0.95
C GLN A 283 -35.60 7.64 -0.17
N ASP A 284 -34.26 7.64 -0.23
CA ASP A 284 -33.48 7.03 -1.34
C ASP A 284 -33.37 7.92 -2.60
N TRP A 285 -34.00 9.09 -2.58
CA TRP A 285 -33.98 10.00 -3.70
C TRP A 285 -32.57 10.29 -4.10
N ASN A 286 -32.30 10.14 -5.40
CA ASN A 286 -31.05 10.48 -6.06
C ASN A 286 -29.81 9.68 -5.63
N LEU A 287 -30.02 8.60 -4.87
CA LEU A 287 -28.90 7.69 -4.59
C LEU A 287 -28.42 7.07 -5.88
N ASP A 288 -29.34 6.81 -6.80
CA ASP A 288 -28.93 6.26 -8.08
C ASP A 288 -28.04 7.27 -8.82
N GLU A 289 -28.45 8.53 -8.82
CA GLU A 289 -27.67 9.60 -9.44
C GLU A 289 -26.32 9.71 -8.79
N LEU A 290 -26.28 9.68 -7.45
CA LEU A 290 -25.02 9.76 -6.69
C LEU A 290 -24.01 8.74 -7.17
N LEU A 291 -24.46 7.51 -7.39
CA LEU A 291 -23.56 6.47 -7.81
C LEU A 291 -23.14 6.68 -9.27
N GLN A 292 -24.09 7.09 -10.11
CA GLN A 292 -23.77 7.34 -11.51
C GLN A 292 -22.66 8.41 -11.61
N VAL A 293 -22.82 9.49 -10.87
CA VAL A 293 -21.87 10.58 -10.92
C VAL A 293 -20.52 10.11 -10.39
N MET A 294 -20.55 9.34 -9.32
CA MET A 294 -19.33 8.78 -8.78
C MET A 294 -18.59 8.04 -9.90
N TRP A 295 -19.28 7.12 -10.56
CA TRP A 295 -18.67 6.39 -11.65
C TRP A 295 -18.09 7.30 -12.70
N ASP A 296 -18.86 8.30 -13.13
CA ASP A 296 -18.40 9.25 -14.13
C ASP A 296 -17.10 9.94 -13.74
N ARG A 297 -16.97 10.33 -12.47
CA ARG A 297 -15.82 11.09 -12.03
C ARG A 297 -14.58 10.22 -11.81
N LEU A 298 -14.78 8.93 -11.60
CA LEU A 298 -13.67 8.03 -11.28
C LEU A 298 -12.87 7.66 -12.52
N ASN A 299 -13.51 7.79 -13.70
CA ASN A 299 -12.91 7.52 -15.00
C ASN A 299 -12.11 6.23 -15.08
N LEU A 300 -12.69 5.13 -14.61
CA LEU A 300 -12.03 3.84 -14.67
C LEU A 300 -12.07 3.30 -16.10
N VAL A 301 -11.17 2.38 -16.46
CA VAL A 301 -11.23 1.83 -17.80
C VAL A 301 -11.44 0.32 -17.83
N ARG A 302 -12.62 -0.06 -18.31
CA ARG A 302 -12.96 -1.45 -18.53
C ARG A 302 -12.41 -1.92 -19.85
N ILE A 303 -11.61 -2.98 -19.81
CA ILE A 303 -11.12 -3.59 -21.04
C ILE A 303 -11.84 -4.90 -21.20
N TYR A 304 -12.27 -5.21 -22.41
CA TYR A 304 -12.97 -6.46 -22.68
C TYR A 304 -12.05 -7.40 -23.44
N THR A 305 -11.83 -8.57 -22.88
CA THR A 305 -10.91 -9.52 -23.47
C THR A 305 -11.62 -10.29 -24.55
N LYS A 306 -10.90 -10.52 -25.65
CA LYS A 306 -11.41 -11.25 -26.80
C LYS A 306 -10.35 -12.24 -27.26
N PRO A 307 -10.69 -13.55 -27.24
CA PRO A 307 -9.78 -14.54 -27.83
C PRO A 307 -9.85 -14.47 -29.35
N LYS A 308 -8.78 -14.91 -30.02
CA LYS A 308 -8.68 -14.83 -31.48
C LYS A 308 -9.95 -15.36 -32.18
N GLY A 309 -10.33 -16.59 -31.85
CA GLY A 309 -11.51 -17.22 -32.46
C GLY A 309 -12.82 -16.60 -32.04
N GLN A 310 -13.11 -16.69 -30.75
CA GLN A 310 -14.42 -16.31 -30.23
C GLN A 310 -14.58 -14.79 -30.03
N ILE A 311 -15.69 -14.38 -29.43
CA ILE A 311 -16.04 -12.97 -29.25
C ILE A 311 -15.60 -12.47 -27.88
N PRO A 312 -15.69 -11.14 -27.64
CA PRO A 312 -15.39 -10.63 -26.30
C PRO A 312 -16.54 -10.97 -25.37
N ASP A 313 -16.25 -11.13 -24.07
CA ASP A 313 -17.28 -11.62 -23.14
C ASP A 313 -18.24 -10.55 -22.62
N PHE A 314 -17.77 -9.30 -22.50
CA PHE A 314 -18.57 -8.17 -22.03
C PHE A 314 -19.17 -8.33 -20.64
N THR A 315 -19.12 -9.55 -20.10
CA THR A 315 -19.60 -9.87 -18.77
C THR A 315 -18.55 -9.55 -17.71
N ASP A 316 -17.28 -9.87 -17.98
CA ASP A 316 -16.21 -9.68 -17.01
C ASP A 316 -15.08 -8.83 -17.54
N PRO A 317 -15.26 -7.50 -17.55
CA PRO A 317 -14.14 -6.64 -17.92
C PRO A 317 -13.00 -6.68 -16.89
N VAL A 318 -11.77 -6.49 -17.35
CA VAL A 318 -10.70 -6.13 -16.42
C VAL A 318 -10.72 -4.62 -16.27
N VAL A 319 -10.80 -4.16 -15.03
CA VAL A 319 -10.93 -2.74 -14.79
C VAL A 319 -9.60 -2.17 -14.35
N LEU A 320 -9.15 -1.16 -15.07
CA LEU A 320 -7.88 -0.51 -14.80
C LEU A 320 -8.11 0.90 -14.27
N ARG A 321 -7.13 1.43 -13.53
CA ARG A 321 -7.23 2.81 -13.05
C ARG A 321 -6.91 3.84 -14.13
N SER A 322 -7.46 5.03 -13.96
CA SER A 322 -7.29 6.14 -14.91
C SER A 322 -5.84 6.39 -15.31
N ASP A 323 -4.93 6.35 -14.32
CA ASP A 323 -3.50 6.62 -14.55
C ASP A 323 -2.61 5.38 -14.62
N ARG A 324 -3.22 4.24 -14.95
CA ARG A 324 -2.52 2.97 -14.97
C ARG A 324 -3.27 2.00 -15.87
N CYS A 325 -3.39 2.35 -17.14
CA CYS A 325 -4.16 1.54 -18.06
C CYS A 325 -3.42 1.28 -19.37
N SER A 326 -2.11 1.07 -19.25
CA SER A 326 -1.35 0.69 -20.42
C SER A 326 -1.63 -0.77 -20.76
N VAL A 327 -1.38 -1.16 -22.00
CA VAL A 327 -1.46 -2.56 -22.39
C VAL A 327 -0.59 -3.38 -21.41
N LYS A 328 0.56 -2.81 -21.06
CA LYS A 328 1.44 -3.36 -20.02
C LYS A 328 0.69 -3.62 -18.72
N ASP A 329 -0.12 -2.64 -18.31
CA ASP A 329 -0.89 -2.76 -17.06
C ASP A 329 -1.99 -3.78 -17.18
N PHE A 330 -2.63 -3.84 -18.35
CA PHE A 330 -3.62 -4.85 -18.64
C PHE A 330 -3.02 -6.25 -18.48
N CYS A 331 -1.86 -6.47 -19.11
CA CYS A 331 -1.16 -7.75 -19.05
C CYS A 331 -0.89 -8.16 -17.61
N ASN A 332 -0.29 -7.26 -16.84
CA ASN A 332 0.07 -7.53 -15.48
C ASN A 332 -1.14 -7.82 -14.61
N GLN A 333 -2.22 -7.10 -14.87
CA GLN A 333 -3.47 -7.33 -14.15
C GLN A 333 -3.96 -8.77 -14.36
N ILE A 334 -3.68 -9.34 -15.53
CA ILE A 334 -4.12 -10.71 -15.83
C ILE A 334 -3.16 -11.77 -15.28
N HIS A 335 -1.86 -11.57 -15.49
CA HIS A 335 -0.85 -12.47 -14.92
C HIS A 335 0.56 -11.96 -15.10
N LYS A 336 1.33 -12.00 -14.02
CA LYS A 336 2.71 -11.49 -13.97
C LYS A 336 3.59 -11.78 -15.21
N SER A 337 3.47 -13.00 -15.75
CA SER A 337 4.40 -13.54 -16.76
C SER A 337 4.24 -12.98 -18.18
N LEU A 338 3.00 -12.63 -18.53
CA LEU A 338 2.59 -12.24 -19.89
C LEU A 338 3.53 -11.30 -20.65
N VAL A 339 4.10 -10.31 -19.95
CA VAL A 339 5.03 -9.33 -20.54
C VAL A 339 6.22 -9.99 -21.23
N ASP A 340 6.72 -11.06 -20.63
CA ASP A 340 7.91 -11.77 -21.13
C ASP A 340 7.72 -12.40 -22.50
N ASP A 341 6.51 -12.81 -22.80
CA ASP A 341 6.21 -13.48 -24.07
C ASP A 341 5.23 -12.67 -24.93
N PHE A 342 5.23 -11.36 -24.74
CA PHE A 342 4.33 -10.47 -25.44
C PHE A 342 4.86 -10.15 -26.82
N ARG A 343 4.10 -10.46 -27.86
CA ARG A 343 4.43 -10.03 -29.22
C ARG A 343 3.82 -8.63 -29.44
N ASN A 344 2.50 -8.56 -29.40
CA ASN A 344 1.75 -7.30 -29.47
C ASN A 344 0.27 -7.51 -29.14
N ALA A 345 -0.51 -6.44 -29.22
CA ALA A 345 -1.95 -6.50 -28.89
C ALA A 345 -2.82 -5.90 -29.99
N LEU A 346 -3.93 -6.59 -30.28
CA LEU A 346 -4.91 -6.11 -31.21
C LEU A 346 -6.03 -5.41 -30.46
N VAL A 347 -6.29 -4.16 -30.83
CA VAL A 347 -7.21 -3.31 -30.09
C VAL A 347 -8.25 -2.67 -31.01
N TYR A 348 -9.51 -2.85 -30.64
CA TYR A 348 -10.61 -2.05 -31.18
C TYR A 348 -10.98 -1.04 -30.12
N GLY A 349 -11.29 0.18 -30.53
CA GLY A 349 -11.81 1.17 -29.60
C GLY A 349 -11.30 2.58 -29.76
N SER A 350 -11.74 3.45 -28.86
CA SER A 350 -11.47 4.87 -28.95
C SER A 350 -10.01 5.25 -28.73
N SER A 351 -9.22 4.31 -28.24
CA SER A 351 -7.81 4.58 -27.96
C SER A 351 -6.91 4.47 -29.20
N VAL A 352 -7.43 3.89 -30.27
CA VAL A 352 -6.65 3.69 -31.50
C VAL A 352 -7.28 4.44 -32.67
N LYS A 353 -6.44 4.93 -33.59
CA LYS A 353 -6.97 5.83 -34.62
C LYS A 353 -7.44 5.11 -35.89
N HIS A 354 -7.48 3.77 -35.82
CA HIS A 354 -7.95 2.90 -36.91
C HIS A 354 -8.44 1.60 -36.33
N GLN A 355 -9.50 1.03 -36.89
CA GLN A 355 -10.14 -0.14 -36.27
C GLN A 355 -9.92 -1.44 -37.05
N PRO A 356 -9.20 -2.41 -36.47
CA PRO A 356 -8.43 -2.35 -35.23
C PRO A 356 -7.03 -1.87 -35.49
N GLN A 357 -6.19 -1.92 -34.47
CA GLN A 357 -4.78 -1.62 -34.63
C GLN A 357 -3.90 -2.48 -33.73
N TYR A 358 -2.71 -2.84 -34.21
CA TYR A 358 -1.74 -3.48 -33.34
C TYR A 358 -1.00 -2.43 -32.56
N VAL A 359 -0.80 -2.70 -31.28
CA VAL A 359 -0.13 -1.76 -30.39
C VAL A 359 0.88 -2.48 -29.50
N GLY A 360 1.73 -1.69 -28.84
CA GLY A 360 2.72 -2.18 -27.89
C GLY A 360 2.35 -1.97 -26.43
N LEU A 361 3.22 -2.47 -25.56
CA LEU A 361 3.01 -2.45 -24.11
C LEU A 361 2.66 -1.07 -23.55
N SER A 362 3.27 -0.03 -24.11
CA SER A 362 3.09 1.31 -23.58
C SER A 362 1.82 1.99 -24.06
N HIS A 363 1.06 1.31 -24.93
CA HIS A 363 -0.16 1.89 -25.47
C HIS A 363 -1.18 2.05 -24.37
N ILE A 364 -1.70 3.28 -24.26
CA ILE A 364 -2.67 3.64 -23.24
C ILE A 364 -4.12 3.37 -23.67
N LEU A 365 -4.78 2.45 -22.97
CA LEU A 365 -6.15 2.06 -23.33
C LEU A 365 -7.20 3.04 -22.81
N GLU A 366 -8.43 2.85 -23.28
CA GLU A 366 -9.57 3.70 -22.93
C GLU A 366 -10.78 2.85 -22.67
N ASP A 367 -11.68 3.36 -21.82
CA ASP A 367 -12.85 2.61 -21.39
C ASP A 367 -13.54 1.88 -22.55
N GLU A 368 -13.74 0.58 -22.36
CA GLU A 368 -14.46 -0.29 -23.30
C GLU A 368 -13.74 -0.57 -24.63
N ASP A 369 -12.42 -0.35 -24.66
CA ASP A 369 -11.56 -0.95 -25.67
C ASP A 369 -11.71 -2.47 -25.60
N VAL A 370 -11.62 -3.13 -26.75
CA VAL A 370 -11.61 -4.59 -26.83
C VAL A 370 -10.19 -5.04 -27.22
N VAL A 371 -9.63 -6.00 -26.48
CA VAL A 371 -8.20 -6.35 -26.61
C VAL A 371 -7.90 -7.84 -26.76
N THR A 372 -7.05 -8.16 -27.74
CA THR A 372 -6.56 -9.51 -27.96
C THR A 372 -5.04 -9.48 -27.90
N ILE A 373 -4.45 -10.10 -26.88
CA ILE A 373 -2.99 -10.16 -26.78
C ILE A 373 -2.41 -11.31 -27.61
N LEU A 374 -1.21 -11.10 -28.15
CA LEU A 374 -0.58 -12.11 -29.00
C LEU A 374 0.79 -12.55 -28.48
N LYS A 375 1.06 -13.83 -28.68
CA LYS A 375 2.22 -14.49 -28.10
C LYS A 375 3.46 -14.41 -28.99
N LYS A 376 4.58 -14.05 -28.39
CA LYS A 376 5.89 -14.00 -29.04
C LYS A 376 6.35 -15.41 -29.35
N SER B 9 -18.44 -19.33 4.82
CA SER B 9 -17.62 -19.24 3.59
C SER B 9 -17.26 -20.65 3.10
N THR B 10 -17.88 -21.03 1.98
CA THR B 10 -17.68 -22.37 1.44
C THR B 10 -16.19 -22.69 1.26
N THR B 11 -15.38 -21.66 1.04
CA THR B 11 -13.94 -21.89 0.92
C THR B 11 -13.26 -22.22 2.27
N VAL B 12 -13.73 -21.61 3.36
CA VAL B 12 -13.18 -21.89 4.68
C VAL B 12 -13.67 -23.24 5.20
N GLU B 13 -14.91 -23.58 4.85
CA GLU B 13 -15.51 -24.85 5.25
C GLU B 13 -14.79 -25.97 4.54
N LYS B 14 -14.43 -25.74 3.27
CA LYS B 14 -13.64 -26.68 2.48
C LYS B 14 -12.32 -26.97 3.15
N ILE B 15 -11.64 -25.92 3.61
CA ILE B 15 -10.37 -26.07 4.32
C ILE B 15 -10.55 -27.01 5.51
N LYS B 16 -11.48 -26.68 6.39
CA LYS B 16 -11.72 -27.44 7.63
C LYS B 16 -11.94 -28.91 7.33
N ALA B 17 -12.78 -29.18 6.33
CA ALA B 17 -13.11 -30.54 5.92
C ALA B 17 -11.85 -31.34 5.60
N ILE B 18 -10.92 -30.69 4.91
CA ILE B 18 -9.67 -31.34 4.51
C ILE B 18 -8.76 -31.53 5.72
N GLU B 19 -8.57 -30.48 6.50
CA GLU B 19 -7.78 -30.58 7.73
C GLU B 19 -8.26 -31.72 8.62
N ASP B 20 -9.58 -31.87 8.75
CA ASP B 20 -10.16 -32.88 9.61
C ASP B 20 -9.99 -34.30 9.05
N GLU B 21 -10.13 -34.43 7.73
CA GLU B 21 -9.87 -35.72 7.08
C GLU B 21 -8.40 -36.07 7.23
N MET B 22 -7.53 -35.11 6.96
CA MET B 22 -6.09 -35.33 7.07
C MET B 22 -5.70 -35.80 8.47
N ALA B 23 -6.32 -35.21 9.47
CA ALA B 23 -5.94 -35.41 10.87
C ALA B 23 -6.22 -36.81 11.36
N ARG B 24 -7.39 -37.35 11.00
CA ARG B 24 -7.76 -38.70 11.44
C ARG B 24 -7.26 -39.78 10.47
N THR B 25 -6.65 -39.35 9.37
CA THR B 25 -6.07 -40.26 8.38
C THR B 25 -4.56 -40.48 8.58
N GLN B 26 -4.18 -41.72 8.81
CA GLN B 26 -2.79 -42.11 8.99
C GLN B 26 -2.13 -42.38 7.64
N LYS B 27 -0.83 -42.08 7.55
CA LYS B 27 -0.09 -42.30 6.32
C LYS B 27 0.39 -43.75 6.17
N ASN B 28 -0.02 -44.37 5.07
CA ASN B 28 0.47 -45.68 4.64
C ASN B 28 0.31 -45.82 3.13
N LYS B 29 0.64 -47.00 2.59
CA LYS B 29 0.56 -47.24 1.15
C LYS B 29 -0.86 -47.05 0.62
N ALA B 30 -1.85 -47.26 1.49
CA ALA B 30 -3.26 -47.16 1.10
C ALA B 30 -3.80 -45.72 1.12
N THR B 31 -3.02 -44.78 1.64
CA THR B 31 -3.52 -43.42 1.84
C THR B 31 -2.59 -42.33 1.30
N SER B 32 -1.34 -42.68 1.03
CA SER B 32 -0.33 -41.67 0.71
C SER B 32 -0.66 -40.87 -0.56
N PHE B 33 -1.19 -41.53 -1.58
CA PHE B 33 -1.68 -40.84 -2.77
C PHE B 33 -2.72 -39.81 -2.35
N HIS B 34 -3.80 -40.30 -1.73
CA HIS B 34 -4.88 -39.45 -1.26
C HIS B 34 -4.41 -38.30 -0.43
N LEU B 35 -3.52 -38.57 0.53
CA LEU B 35 -3.00 -37.49 1.37
C LEU B 35 -2.27 -36.45 0.52
N GLY B 36 -1.67 -36.91 -0.57
CA GLY B 36 -1.00 -36.04 -1.53
C GLY B 36 -2.02 -35.14 -2.18
N GLN B 37 -3.03 -35.74 -2.80
CA GLN B 37 -4.20 -34.99 -3.29
C GLN B 37 -4.69 -33.96 -2.26
N LEU B 38 -4.82 -34.38 -1.01
CA LEU B 38 -5.43 -33.54 -0.01
C LEU B 38 -4.54 -32.35 0.30
N LYS B 39 -3.24 -32.59 0.43
CA LYS B 39 -2.27 -31.52 0.72
C LYS B 39 -2.24 -30.49 -0.41
N ALA B 40 -2.38 -30.97 -1.64
CA ALA B 40 -2.45 -30.10 -2.81
C ALA B 40 -3.73 -29.27 -2.77
N LYS B 41 -4.88 -29.94 -2.68
CA LYS B 41 -6.16 -29.25 -2.52
C LYS B 41 -6.11 -28.19 -1.41
N LEU B 42 -5.54 -28.56 -0.26
CA LEU B 42 -5.46 -27.65 0.87
C LEU B 42 -4.62 -26.42 0.50
N ALA B 43 -3.44 -26.66 -0.05
CA ALA B 43 -2.57 -25.56 -0.44
C ALA B 43 -3.23 -24.67 -1.47
N LYS B 44 -3.93 -25.27 -2.44
CA LYS B 44 -4.60 -24.47 -3.46
C LYS B 44 -5.64 -23.54 -2.85
N LEU B 45 -6.39 -24.06 -1.88
CA LEU B 45 -7.42 -23.28 -1.21
C LEU B 45 -6.85 -22.14 -0.36
N ARG B 46 -5.78 -22.43 0.36
CA ARG B 46 -5.12 -21.44 1.21
C ARG B 46 -4.55 -20.26 0.45
N ARG B 47 -4.00 -20.53 -0.74
CA ARG B 47 -3.46 -19.50 -1.62
C ARG B 47 -4.57 -18.56 -2.05
N GLU B 48 -5.75 -19.10 -2.30
CA GLU B 48 -6.88 -18.31 -2.76
C GLU B 48 -7.37 -17.32 -1.72
N LEU B 49 -7.22 -17.64 -0.44
CA LEU B 49 -7.53 -16.68 0.63
C LEU B 49 -6.59 -15.48 0.62
N LEU B 50 -5.40 -15.66 0.08
CA LEU B 50 -4.41 -14.58 0.01
C LEU B 50 -4.62 -13.76 -1.24
N THR B 51 -4.70 -14.44 -2.39
CA THR B 51 -4.79 -13.81 -3.72
C THR B 51 -6.16 -13.16 -3.94
N SER B 52 -6.79 -12.71 -2.85
CA SER B 52 -8.13 -12.12 -2.89
C SER B 52 -8.24 -10.69 -3.46
N ALA B 53 -7.30 -9.79 -3.14
CA ALA B 53 -6.15 -10.02 -2.25
C ALA B 53 -4.86 -9.39 -2.75
N SER B 54 -3.87 -10.24 -3.05
CA SER B 54 -2.58 -9.79 -3.59
C SER B 54 -2.63 -9.50 -5.08
N SER B 55 -3.23 -10.43 -5.82
CA SER B 55 -3.47 -10.27 -7.26
C SER B 55 -4.94 -10.13 -7.58
N GLY B 56 -5.59 -9.12 -6.99
CA GLY B 56 -7.02 -8.89 -7.18
C GLY B 56 -7.32 -7.58 -7.89
N SER B 57 -8.55 -7.10 -7.71
CA SER B 57 -9.01 -5.84 -8.30
C SER B 57 -8.17 -4.65 -7.91
N GLY B 58 -7.54 -4.03 -8.89
CA GLY B 58 -6.57 -2.96 -8.66
C GLY B 58 -5.18 -3.40 -9.06
N GLY B 59 -4.91 -4.71 -8.90
CA GLY B 59 -3.62 -5.32 -9.26
C GLY B 59 -2.56 -5.15 -8.18
N GLY B 60 -2.09 -3.91 -8.04
CA GLY B 60 -1.19 -3.48 -6.95
C GLY B 60 -2.00 -3.35 -5.67
N ALA B 61 -2.42 -4.51 -5.17
CA ALA B 61 -3.45 -4.60 -4.13
C ALA B 61 -2.92 -5.18 -2.80
N GLY B 62 -3.70 -5.00 -1.74
CA GLY B 62 -3.28 -5.37 -0.41
C GLY B 62 -2.38 -4.30 0.17
N ILE B 63 -1.16 -4.72 0.48
CA ILE B 63 -0.23 -3.92 1.24
C ILE B 63 1.08 -3.85 0.49
N GLY B 64 1.54 -2.63 0.17
CA GLY B 64 2.69 -2.41 -0.71
C GLY B 64 4.08 -2.29 -0.10
N PHE B 65 4.22 -2.50 1.21
CA PHE B 65 5.53 -2.43 1.87
C PHE B 65 6.49 -3.33 1.14
N ASP B 66 7.62 -2.75 0.71
CA ASP B 66 8.63 -3.43 -0.10
C ASP B 66 9.96 -2.64 -0.03
N VAL B 67 10.97 -3.21 0.62
CA VAL B 67 12.24 -2.50 0.81
C VAL B 67 12.94 -2.13 -0.50
N ALA B 68 12.86 -3.01 -1.50
CA ALA B 68 13.37 -2.70 -2.83
C ALA B 68 12.84 -1.37 -3.38
N ARG B 69 11.54 -1.13 -3.22
CA ARG B 69 10.93 0.10 -3.71
C ARG B 69 11.26 1.31 -2.84
N THR B 70 11.30 1.12 -1.53
CA THR B 70 11.28 2.25 -0.60
C THR B 70 12.59 2.42 0.15
N GLY B 71 13.34 1.34 0.33
CA GLY B 71 14.56 1.41 1.12
C GLY B 71 14.30 1.36 2.61
N VAL B 72 13.08 1.00 2.98
CA VAL B 72 12.66 0.87 4.37
C VAL B 72 12.29 -0.60 4.62
N ALA B 73 13.07 -1.26 5.45
CA ALA B 73 12.84 -2.63 5.82
C ALA B 73 11.65 -2.72 6.78
N SER B 74 10.92 -3.84 6.75
CA SER B 74 9.84 -4.05 7.72
C SER B 74 10.04 -5.24 8.62
N VAL B 75 9.85 -5.01 9.91
CA VAL B 75 9.97 -6.04 10.93
C VAL B 75 8.63 -6.17 11.66
N GLY B 76 8.08 -7.37 11.66
CA GLY B 76 6.79 -7.62 12.27
C GLY B 76 6.94 -8.32 13.60
N PHE B 77 6.12 -7.92 14.56
CA PHE B 77 6.19 -8.46 15.92
C PHE B 77 4.98 -9.35 16.18
N VAL B 78 5.24 -10.63 16.44
CA VAL B 78 4.18 -11.63 16.63
C VAL B 78 4.17 -12.19 18.05
N GLY B 79 3.03 -12.14 18.72
CA GLY B 79 2.96 -12.55 20.11
C GLY B 79 1.62 -12.25 20.75
N PHE B 80 1.26 -13.04 21.75
CA PHE B 80 0.04 -12.82 22.52
C PHE B 80 0.21 -11.64 23.45
N PRO B 81 -0.92 -11.15 24.03
CA PRO B 81 -0.78 -10.15 25.09
C PRO B 81 -0.08 -10.77 26.32
N SER B 82 0.47 -9.92 27.18
CA SER B 82 1.13 -10.38 28.43
C SER B 82 2.37 -11.29 28.24
N VAL B 83 3.07 -11.10 27.14
CA VAL B 83 4.43 -11.62 27.01
C VAL B 83 5.36 -10.42 26.86
N GLY B 84 4.80 -9.22 26.99
CA GLY B 84 5.58 -7.97 26.95
C GLY B 84 5.79 -7.32 25.59
N LYS B 85 5.02 -7.74 24.60
CA LYS B 85 5.19 -7.26 23.23
C LYS B 85 5.22 -5.74 23.13
N SER B 86 4.23 -5.07 23.73
CA SER B 86 4.10 -3.62 23.62
C SER B 86 5.16 -2.85 24.39
N THR B 87 5.56 -3.38 25.55
CA THR B 87 6.70 -2.82 26.29
C THR B 87 7.94 -2.84 25.38
N LEU B 88 8.18 -4.00 24.76
CA LEU B 88 9.30 -4.14 23.83
C LEU B 88 9.20 -3.14 22.67
N LEU B 89 8.01 -3.06 22.08
CA LEU B 89 7.77 -2.08 21.02
C LEU B 89 8.09 -0.65 21.45
N SER B 90 7.61 -0.27 22.64
CA SER B 90 7.81 1.07 23.15
C SER B 90 9.28 1.40 23.34
N LYS B 91 10.04 0.41 23.79
CA LYS B 91 11.43 0.62 24.09
C LYS B 91 12.22 0.71 22.82
N LEU B 92 11.92 -0.18 21.89
CA LEU B 92 12.65 -0.22 20.62
C LEU B 92 12.32 0.99 19.75
N THR B 93 11.07 1.45 19.78
CA THR B 93 10.68 2.58 18.95
C THR B 93 10.93 3.91 19.65
N GLY B 94 10.96 3.87 20.99
CA GLY B 94 11.15 5.06 21.80
C GLY B 94 9.85 5.81 22.07
N THR B 95 8.74 5.29 21.55
CA THR B 95 7.43 5.92 21.81
C THR B 95 6.45 4.95 22.43
N GLU B 96 5.55 5.47 23.25
CA GLU B 96 4.57 4.63 23.93
C GLU B 96 3.48 4.14 22.98
N SER B 97 2.98 2.93 23.25
CA SER B 97 1.95 2.31 22.40
C SER B 97 0.69 3.19 22.27
N GLU B 98 0.35 3.51 21.03
CA GLU B 98 -0.73 4.46 20.72
C GLU B 98 -2.06 3.74 20.45
N THR B 105 -9.69 -0.29 15.50
CA THR B 105 -8.65 0.07 14.52
C THR B 105 -8.73 -0.70 13.18
N THR B 106 -8.97 0.02 12.09
CA THR B 106 -8.85 -0.55 10.76
C THR B 106 -7.49 -0.26 10.12
N LEU B 107 -6.77 0.72 10.67
CA LEU B 107 -5.46 1.12 10.14
C LEU B 107 -4.39 0.13 10.54
N VAL B 108 -3.38 -0.01 9.70
CA VAL B 108 -2.20 -0.79 10.07
C VAL B 108 -1.50 -0.12 11.25
N THR B 109 -1.13 -0.92 12.25
CA THR B 109 -0.46 -0.39 13.43
C THR B 109 1.03 -0.25 13.18
N VAL B 110 1.50 1.00 13.16
CA VAL B 110 2.93 1.27 13.06
C VAL B 110 3.42 1.94 14.35
N PRO B 111 3.90 1.13 15.30
CA PRO B 111 4.42 1.64 16.58
C PRO B 111 5.60 2.58 16.39
N GLY B 112 6.34 2.42 15.29
CA GLY B 112 7.41 3.35 14.99
C GLY B 112 8.47 2.93 14.00
N VAL B 113 9.12 3.95 13.44
CA VAL B 113 10.19 3.77 12.50
C VAL B 113 11.47 4.10 13.24
N ILE B 114 12.46 3.22 13.16
CA ILE B 114 13.79 3.51 13.70
C ILE B 114 14.84 3.65 12.58
N ARG B 115 15.98 4.25 12.93
CA ARG B 115 17.14 4.24 12.06
C ARG B 115 18.33 3.50 12.69
N TYR B 116 18.77 2.46 12.00
CA TYR B 116 19.85 1.59 12.48
C TYR B 116 20.91 1.43 11.39
N LYS B 117 22.16 1.61 11.80
CA LYS B 117 23.30 1.65 10.89
C LYS B 117 22.94 2.31 9.55
N GLY B 118 22.26 3.45 9.63
CA GLY B 118 21.94 4.27 8.46
C GLY B 118 20.65 3.89 7.76
N ALA B 119 20.10 2.72 8.12
CA ALA B 119 18.90 2.19 7.48
C ALA B 119 17.60 2.42 8.27
N LYS B 120 16.57 2.88 7.59
CA LYS B 120 15.26 3.07 8.20
C LYS B 120 14.54 1.73 8.25
N ILE B 121 14.15 1.31 9.46
CA ILE B 121 13.43 0.05 9.65
C ILE B 121 12.13 0.32 10.38
N GLN B 122 11.05 -0.17 9.80
CA GLN B 122 9.69 0.02 10.27
C GLN B 122 9.27 -1.12 11.22
N MET B 123 8.84 -0.77 12.43
CA MET B 123 8.40 -1.78 13.36
C MET B 123 6.90 -1.90 13.22
N LEU B 124 6.42 -3.09 12.87
CA LEU B 124 4.98 -3.35 12.71
C LEU B 124 4.48 -4.31 13.77
N ASP B 125 3.42 -3.93 14.46
CA ASP B 125 2.76 -4.85 15.33
C ASP B 125 1.76 -5.63 14.49
N LEU B 126 1.60 -6.92 14.79
CA LEU B 126 0.67 -7.75 14.04
C LEU B 126 -0.44 -8.30 14.95
N PRO B 127 -1.29 -7.41 15.49
CA PRO B 127 -2.29 -7.72 16.51
C PRO B 127 -2.86 -9.14 16.51
N GLY B 128 -3.90 -9.36 15.72
CA GLY B 128 -4.69 -10.57 15.86
C GLY B 128 -4.39 -11.57 14.77
N ILE B 129 -3.13 -11.61 14.35
CA ILE B 129 -2.69 -12.57 13.34
C ILE B 129 -2.84 -14.00 13.87
N ILE B 130 -2.62 -14.15 15.16
CA ILE B 130 -2.51 -15.44 15.81
C ILE B 130 -3.86 -16.09 16.08
N ASP B 131 -4.69 -15.44 16.91
CA ASP B 131 -6.02 -15.95 17.23
C ASP B 131 -7.02 -15.89 16.04
N GLY B 132 -6.50 -15.55 14.86
CA GLY B 132 -7.30 -15.54 13.64
C GLY B 132 -7.54 -16.95 13.13
N GLY B 140 -9.01 -11.37 9.36
CA GLY B 140 -7.85 -10.48 9.41
C GLY B 140 -7.05 -10.54 8.13
N LYS B 141 -7.71 -10.27 6.98
CA LYS B 141 -7.02 -10.29 5.69
C LYS B 141 -5.86 -9.29 5.65
N GLN B 142 -6.09 -8.11 6.21
CA GLN B 142 -5.08 -7.06 6.23
C GLN B 142 -3.82 -7.44 7.02
N VAL B 143 -3.99 -7.94 8.24
CA VAL B 143 -2.82 -8.21 9.10
C VAL B 143 -1.95 -9.32 8.48
N ILE B 144 -2.62 -10.33 7.93
CA ILE B 144 -1.94 -11.37 7.18
C ILE B 144 -1.10 -10.74 6.06
N ALA B 145 -1.76 -9.94 5.23
CA ALA B 145 -1.04 -9.21 4.15
C ALA B 145 0.14 -8.38 4.68
N VAL B 146 -0.03 -7.71 5.82
CA VAL B 146 1.11 -6.99 6.39
C VAL B 146 2.23 -7.98 6.68
N ALA B 147 1.90 -9.06 7.40
CA ALA B 147 2.91 -10.02 7.82
C ALA B 147 3.72 -10.53 6.65
N ARG B 148 3.03 -10.85 5.55
CA ARG B 148 3.68 -11.47 4.40
C ARG B 148 4.56 -10.47 3.67
N THR B 149 4.47 -9.23 4.07
CA THR B 149 5.24 -8.15 3.50
C THR B 149 6.56 -7.90 4.25
N CYS B 150 6.69 -8.44 5.46
CA CYS B 150 7.86 -8.24 6.33
C CYS B 150 9.16 -8.89 5.86
N ASN B 151 10.29 -8.33 6.28
CA ASN B 151 11.63 -8.87 5.93
C ASN B 151 12.17 -9.78 7.03
N LEU B 152 11.64 -9.61 8.23
CA LEU B 152 11.96 -10.45 9.38
C LEU B 152 10.83 -10.40 10.40
N LEU B 153 10.62 -11.50 11.12
CA LEU B 153 9.68 -11.47 12.22
C LEU B 153 10.35 -11.62 13.59
N PHE B 154 9.74 -11.01 14.60
CA PHE B 154 10.06 -11.27 15.98
C PHE B 154 8.94 -12.09 16.57
N ILE B 155 9.26 -13.31 16.95
CA ILE B 155 8.30 -14.15 17.64
C ILE B 155 8.57 -13.99 19.13
N ILE B 156 7.64 -13.33 19.82
CA ILE B 156 7.84 -12.96 21.22
C ILE B 156 7.22 -14.03 22.09
N LEU B 157 8.04 -14.63 22.95
CA LEU B 157 7.56 -15.66 23.88
C LEU B 157 7.92 -15.31 25.33
N ASP B 158 7.17 -15.88 26.27
CA ASP B 158 7.55 -15.82 27.67
C ASP B 158 8.33 -17.08 27.97
N VAL B 159 9.64 -16.91 28.17
CA VAL B 159 10.55 -18.05 28.35
C VAL B 159 10.12 -19.01 29.45
N ASN B 160 9.24 -18.56 30.36
CA ASN B 160 8.80 -19.39 31.48
C ASN B 160 7.67 -20.39 31.15
N LYS B 161 6.87 -20.08 30.12
CA LYS B 161 5.98 -21.04 29.45
C LYS B 161 5.73 -20.65 27.97
N PRO B 162 6.73 -20.94 27.12
CA PRO B 162 6.76 -20.54 25.73
C PRO B 162 6.12 -21.53 24.74
N LEU B 163 6.05 -22.80 25.11
CA LEU B 163 5.83 -23.88 24.15
C LEU B 163 4.51 -23.88 23.39
N HIS B 164 3.42 -23.62 24.10
CA HIS B 164 2.10 -23.57 23.48
C HIS B 164 2.05 -22.46 22.45
N HIS B 165 2.51 -21.27 22.84
CA HIS B 165 2.59 -20.12 21.95
C HIS B 165 3.44 -20.36 20.74
N LYS B 166 4.63 -20.94 20.92
CA LYS B 166 5.50 -21.23 19.79
C LYS B 166 4.77 -22.11 18.78
N GLN B 167 4.16 -23.17 19.29
CA GLN B 167 3.48 -24.14 18.44
C GLN B 167 2.37 -23.48 17.62
N ILE B 168 1.53 -22.69 18.28
CA ILE B 168 0.36 -22.01 17.68
C ILE B 168 0.76 -20.94 16.63
N ILE B 169 1.73 -20.10 16.98
CA ILE B 169 2.23 -19.04 16.11
C ILE B 169 2.89 -19.61 14.84
N GLU B 170 3.74 -20.61 15.01
CA GLU B 170 4.32 -21.30 13.86
C GLU B 170 3.25 -21.90 12.96
N LYS B 171 2.21 -22.49 13.56
CA LYS B 171 1.13 -23.09 12.80
C LYS B 171 0.37 -22.07 11.94
N GLU B 172 0.06 -20.92 12.53
CA GLU B 172 -0.70 -19.89 11.83
C GLU B 172 0.10 -19.20 10.73
N LEU B 173 1.36 -18.92 11.01
CA LEU B 173 2.24 -18.32 10.01
C LEU B 173 2.51 -19.26 8.84
N GLU B 174 2.87 -20.51 9.13
CA GLU B 174 3.06 -21.47 8.06
C GLU B 174 1.77 -21.59 7.26
N GLY B 175 0.63 -21.56 7.95
CA GLY B 175 -0.69 -21.67 7.33
C GLY B 175 -1.03 -20.62 6.31
N VAL B 176 -0.32 -19.49 6.32
CA VAL B 176 -0.56 -18.39 5.37
C VAL B 176 0.64 -18.18 4.46
N GLY B 177 1.41 -19.24 4.24
CA GLY B 177 2.53 -19.22 3.27
C GLY B 177 3.86 -18.65 3.72
N ILE B 178 3.97 -18.28 5.00
CA ILE B 178 5.24 -17.83 5.52
C ILE B 178 6.05 -19.04 5.96
N ARG B 179 7.34 -19.05 5.57
CA ARG B 179 8.23 -20.17 5.84
C ARG B 179 9.42 -19.61 6.58
N LEU B 180 9.45 -19.89 7.88
CA LEU B 180 10.35 -19.20 8.81
C LEU B 180 11.74 -19.82 8.86
N ASN B 181 12.75 -18.96 8.72
CA ASN B 181 14.15 -19.41 8.79
C ASN B 181 14.42 -20.56 7.81
N LYS B 182 13.77 -20.51 6.63
CA LYS B 182 13.93 -21.54 5.62
C LYS B 182 14.39 -20.95 4.29
N THR B 183 15.17 -21.74 3.57
CA THR B 183 15.50 -21.45 2.18
C THR B 183 14.65 -22.36 1.29
N PRO B 184 14.25 -21.86 0.11
CA PRO B 184 13.39 -22.65 -0.80
C PRO B 184 13.98 -24.03 -1.11
N PRO B 185 13.11 -25.06 -1.18
CA PRO B 185 13.63 -26.39 -1.52
C PRO B 185 14.30 -26.40 -2.88
N ASP B 186 15.33 -27.23 -3.02
CA ASP B 186 16.04 -27.33 -4.28
C ASP B 186 15.38 -28.40 -5.17
N ILE B 187 14.30 -28.00 -5.83
CA ILE B 187 13.55 -28.84 -6.75
C ILE B 187 13.22 -27.99 -7.97
N LEU B 188 13.61 -28.46 -9.15
CA LEU B 188 13.26 -27.74 -10.38
C LEU B 188 12.15 -28.43 -11.14
N ILE B 189 11.14 -27.66 -11.54
CA ILE B 189 10.01 -28.19 -12.31
C ILE B 189 9.95 -27.56 -13.69
N LYS B 190 10.36 -28.32 -14.70
CA LYS B 190 10.26 -27.90 -16.09
C LYS B 190 8.93 -28.41 -16.65
N LYS B 191 7.99 -27.49 -16.85
CA LYS B 191 6.67 -27.77 -17.44
C LYS B 191 6.81 -28.10 -18.93
N LYS B 192 6.16 -29.18 -19.37
CA LYS B 192 6.32 -29.65 -20.75
C LYS B 192 5.02 -29.86 -21.52
N GLU B 193 5.12 -29.78 -22.85
CA GLU B 193 4.00 -29.90 -23.76
C GLU B 193 3.39 -31.30 -23.75
N LYS B 194 4.25 -32.31 -23.63
CA LYS B 194 3.84 -33.71 -23.73
C LYS B 194 4.89 -34.60 -23.08
N GLY B 195 4.53 -35.86 -22.84
CA GLY B 195 5.47 -36.84 -22.33
C GLY B 195 5.23 -37.35 -20.92
N GLY B 196 4.30 -36.73 -20.20
CA GLY B 196 3.96 -37.16 -18.83
C GLY B 196 4.93 -36.64 -17.79
N ILE B 197 4.88 -37.23 -16.58
CA ILE B 197 5.74 -36.82 -15.47
C ILE B 197 6.97 -37.73 -15.34
N SER B 198 8.16 -37.11 -15.30
CA SER B 198 9.40 -37.86 -15.11
C SER B 198 10.28 -37.17 -14.06
N ILE B 199 11.10 -37.97 -13.37
CA ILE B 199 11.73 -37.56 -12.12
C ILE B 199 13.26 -37.73 -12.13
N THR B 200 13.97 -36.65 -11.79
CA THR B 200 15.42 -36.70 -11.56
C THR B 200 15.70 -36.76 -10.07
N ASN B 201 16.76 -37.47 -9.69
CA ASN B 201 17.02 -37.76 -8.29
C ASN B 201 18.50 -37.76 -7.88
N THR B 202 18.80 -36.94 -6.89
CA THR B 202 20.10 -36.86 -6.25
C THR B 202 19.87 -37.04 -4.77
N VAL B 203 20.58 -37.98 -4.15
CA VAL B 203 20.31 -38.41 -2.77
C VAL B 203 19.03 -39.25 -2.79
N PRO B 204 19.05 -40.42 -2.12
CA PRO B 204 17.84 -41.22 -2.00
C PRO B 204 16.65 -40.41 -1.46
N LEU B 205 15.48 -40.63 -2.07
CA LEU B 205 14.23 -40.02 -1.62
C LEU B 205 13.56 -40.93 -0.58
N THR B 206 13.49 -40.44 0.65
CA THR B 206 13.01 -41.22 1.79
C THR B 206 11.52 -40.97 2.07
N HIS B 207 11.07 -39.76 1.79
CA HIS B 207 9.74 -39.33 2.23
C HIS B 207 8.74 -39.26 1.12
N LEU B 208 9.19 -39.52 -0.10
CA LEU B 208 8.39 -39.25 -1.27
C LEU B 208 8.43 -40.40 -2.27
N GLY B 209 7.24 -40.86 -2.66
CA GLY B 209 7.10 -41.86 -3.71
C GLY B 209 6.55 -41.18 -4.95
N ASN B 210 6.77 -41.79 -6.11
CA ASN B 210 6.23 -41.29 -7.38
C ASN B 210 4.71 -41.24 -7.30
N ASP B 211 4.18 -42.24 -6.61
CA ASP B 211 2.85 -42.25 -6.02
C ASP B 211 2.34 -40.85 -5.66
N GLU B 212 2.85 -40.33 -4.55
CA GLU B 212 2.49 -39.01 -4.05
C GLU B 212 2.76 -37.94 -5.08
N ILE B 213 3.90 -38.02 -5.75
CA ILE B 213 4.27 -37.02 -6.75
C ILE B 213 3.17 -36.89 -7.81
N ARG B 214 2.78 -38.02 -8.38
CA ARG B 214 1.77 -38.08 -9.44
C ARG B 214 0.44 -37.48 -8.96
N ALA B 215 0.11 -37.72 -7.70
CA ALA B 215 -1.12 -37.22 -7.10
C ALA B 215 -1.14 -35.69 -7.04
N VAL B 216 -0.01 -35.11 -6.64
CA VAL B 216 0.13 -33.64 -6.55
C VAL B 216 0.07 -32.97 -7.92
N MET B 217 0.85 -33.49 -8.86
CA MET B 217 0.88 -32.95 -10.22
C MET B 217 -0.46 -33.05 -10.90
N SER B 218 -1.22 -34.08 -10.54
CA SER B 218 -2.55 -34.26 -11.09
C SER B 218 -3.49 -33.20 -10.52
N GLU B 219 -3.37 -32.96 -9.21
CA GLU B 219 -4.24 -31.99 -8.58
C GLU B 219 -3.95 -30.56 -9.05
N TYR B 220 -2.71 -30.32 -9.48
CA TYR B 220 -2.36 -29.03 -10.07
C TYR B 220 -2.68 -28.91 -11.56
N ARG B 221 -3.36 -29.91 -12.10
CA ARG B 221 -3.73 -29.96 -13.53
C ARG B 221 -2.49 -29.95 -14.44
N ILE B 222 -1.38 -30.52 -13.97
CA ILE B 222 -0.15 -30.61 -14.75
C ILE B 222 0.03 -32.03 -15.31
N ASN B 223 -0.10 -32.15 -16.62
CA ASN B 223 -0.03 -33.45 -17.30
C ASN B 223 1.37 -33.92 -17.68
N SER B 224 2.24 -32.96 -18.02
CA SER B 224 3.58 -33.28 -18.48
C SER B 224 4.62 -32.32 -17.93
N ALA B 225 5.61 -32.86 -17.22
CA ALA B 225 6.73 -32.08 -16.67
C ALA B 225 7.94 -32.96 -16.30
N GLU B 226 9.10 -32.32 -16.18
CA GLU B 226 10.30 -33.01 -15.71
C GLU B 226 10.69 -32.40 -14.38
N ILE B 227 10.73 -33.23 -13.35
CA ILE B 227 11.00 -32.76 -12.00
C ILE B 227 12.38 -33.23 -11.53
N ALA B 228 13.22 -32.27 -11.13
CA ALA B 228 14.59 -32.55 -10.68
C ALA B 228 14.75 -32.31 -9.18
N PHE B 229 14.96 -33.39 -8.43
CA PHE B 229 15.10 -33.35 -6.98
C PHE B 229 16.56 -33.34 -6.56
N ARG B 230 16.97 -32.28 -5.89
CA ARG B 230 18.33 -32.15 -5.40
C ARG B 230 18.39 -32.18 -3.89
N CYS B 231 17.33 -32.70 -3.27
CA CYS B 231 17.20 -32.75 -1.82
C CYS B 231 16.25 -33.87 -1.44
N ASP B 232 16.32 -34.34 -0.20
CA ASP B 232 15.38 -35.33 0.28
C ASP B 232 14.05 -34.65 0.58
N ALA B 233 13.29 -34.39 -0.48
CA ALA B 233 12.07 -33.58 -0.41
C ALA B 233 10.88 -34.26 0.24
N THR B 234 10.09 -33.48 0.96
CA THR B 234 8.78 -33.92 1.45
C THR B 234 7.73 -33.48 0.43
N VAL B 235 6.52 -34.05 0.53
CA VAL B 235 5.43 -33.58 -0.33
C VAL B 235 5.20 -32.08 -0.13
N ASP B 236 5.29 -31.63 1.12
CA ASP B 236 5.19 -30.20 1.45
C ASP B 236 6.18 -29.32 0.71
N ASP B 237 7.40 -29.85 0.50
CA ASP B 237 8.45 -29.13 -0.23
C ASP B 237 8.08 -28.97 -1.69
N LEU B 238 7.58 -30.05 -2.27
CA LEU B 238 7.15 -30.02 -3.67
C LEU B 238 6.07 -28.97 -3.86
N ILE B 239 5.09 -29.00 -2.96
CA ILE B 239 4.00 -28.06 -2.99
C ILE B 239 4.50 -26.63 -2.79
N ASP B 240 5.53 -26.47 -1.96
CA ASP B 240 6.11 -25.14 -1.75
C ASP B 240 6.70 -24.58 -3.04
N VAL B 241 7.33 -25.45 -3.83
CA VAL B 241 7.93 -25.04 -5.09
C VAL B 241 6.85 -24.74 -6.11
N LEU B 242 5.83 -25.60 -6.17
CA LEU B 242 4.69 -25.38 -7.03
C LEU B 242 4.04 -24.05 -6.68
N GLU B 243 4.09 -23.69 -5.40
CA GLU B 243 3.47 -22.46 -4.93
C GLU B 243 4.51 -21.39 -4.67
N ALA B 244 5.59 -21.38 -5.45
CA ALA B 244 6.74 -20.53 -5.09
C ALA B 244 6.40 -19.03 -5.04
N SER B 245 5.51 -18.58 -5.92
CA SER B 245 5.24 -17.15 -6.01
C SER B 245 4.39 -16.57 -4.88
N SER B 246 3.69 -17.43 -4.13
CA SER B 246 2.97 -16.96 -2.94
C SER B 246 3.67 -17.26 -1.61
N ARG B 247 4.64 -18.15 -1.61
CA ARG B 247 5.45 -18.39 -0.41
C ARG B 247 6.29 -17.17 -0.07
N ARG B 248 6.47 -16.93 1.22
CA ARG B 248 7.30 -15.83 1.67
C ARG B 248 8.33 -16.38 2.64
N TYR B 249 9.56 -16.55 2.18
CA TYR B 249 10.65 -17.05 3.03
C TYR B 249 11.18 -15.92 3.88
N MET B 250 11.36 -16.15 5.17
CA MET B 250 11.84 -15.06 6.01
C MET B 250 12.42 -15.46 7.36
N PRO B 251 13.46 -14.72 7.77
CA PRO B 251 14.08 -15.02 9.05
C PRO B 251 13.13 -14.63 10.16
N ALA B 252 13.22 -15.33 11.28
CA ALA B 252 12.43 -14.98 12.44
C ALA B 252 13.30 -15.15 13.69
N ILE B 253 13.16 -14.23 14.62
CA ILE B 253 13.91 -14.32 15.85
C ILE B 253 12.98 -14.71 16.98
N TYR B 254 13.35 -15.77 17.71
CA TYR B 254 12.60 -16.19 18.86
C TYR B 254 13.03 -15.34 20.04
N VAL B 255 12.16 -14.41 20.39
CA VAL B 255 12.48 -13.46 21.43
C VAL B 255 12.00 -14.10 22.74
N LEU B 256 12.96 -14.58 23.51
CA LEU B 256 12.68 -15.23 24.78
C LEU B 256 12.69 -14.22 25.93
N ASN B 257 11.52 -13.66 26.20
CA ASN B 257 11.39 -12.56 27.14
C ASN B 257 11.15 -13.08 28.55
N LYS B 258 11.22 -12.18 29.51
CA LYS B 258 10.96 -12.45 30.93
C LYS B 258 12.03 -13.36 31.56
N ILE B 259 13.29 -13.09 31.25
CA ILE B 259 14.42 -13.85 31.81
C ILE B 259 14.74 -13.42 33.25
N ASP B 260 14.07 -12.37 33.72
CA ASP B 260 14.07 -11.91 35.11
C ASP B 260 13.86 -13.05 36.09
N SER B 261 13.11 -14.06 35.70
CA SER B 261 12.74 -15.17 36.58
C SER B 261 13.73 -16.31 36.52
N LEU B 262 14.79 -16.15 35.71
CA LEU B 262 15.72 -17.23 35.46
C LEU B 262 16.99 -17.15 36.30
N SER B 263 17.81 -18.18 36.24
CA SER B 263 19.16 -18.14 36.75
C SER B 263 20.15 -17.78 35.62
N ILE B 264 21.34 -17.32 36.02
CA ILE B 264 22.46 -17.11 35.08
C ILE B 264 22.75 -18.38 34.30
N GLU B 265 22.83 -19.51 34.99
CA GLU B 265 23.09 -20.80 34.36
C GLU B 265 22.07 -21.16 33.27
N GLU B 266 20.78 -20.96 33.55
CA GLU B 266 19.77 -21.27 32.53
C GLU B 266 19.66 -20.21 31.45
N LEU B 267 20.07 -18.98 31.75
CA LEU B 267 20.19 -17.97 30.72
C LEU B 267 21.27 -18.39 29.72
N GLU B 268 22.39 -18.90 30.24
CA GLU B 268 23.49 -19.37 29.41
C GLU B 268 23.02 -20.48 28.48
N LEU B 269 22.22 -21.39 29.03
CA LEU B 269 21.68 -22.51 28.27
C LEU B 269 20.83 -22.07 27.08
N LEU B 270 20.17 -20.92 27.19
CA LEU B 270 19.30 -20.47 26.12
C LEU B 270 20.06 -20.20 24.83
N TYR B 271 21.36 -19.93 24.96
CA TYR B 271 22.16 -19.58 23.80
C TYR B 271 22.53 -20.80 22.98
N ARG B 272 22.23 -21.98 23.51
CA ARG B 272 22.32 -23.17 22.71
C ARG B 272 21.09 -23.38 21.79
N ILE B 273 20.12 -22.47 21.86
CA ILE B 273 18.92 -22.53 20.99
C ILE B 273 19.05 -21.61 19.77
N PRO B 274 19.14 -22.18 18.57
CA PRO B 274 19.26 -21.37 17.34
C PRO B 274 18.17 -20.32 17.20
N ASN B 275 18.53 -19.13 16.70
CA ASN B 275 17.57 -18.06 16.39
C ASN B 275 16.84 -17.49 17.58
N ALA B 276 17.48 -17.60 18.75
CA ALA B 276 16.88 -17.12 19.97
C ALA B 276 17.68 -15.99 20.56
N VAL B 277 16.98 -14.95 20.94
CA VAL B 277 17.57 -13.88 21.71
C VAL B 277 16.77 -13.72 23.02
N PRO B 278 17.40 -14.10 24.15
CA PRO B 278 16.82 -13.93 25.48
C PRO B 278 16.94 -12.48 25.93
N ILE B 279 15.86 -11.95 26.50
CA ILE B 279 15.77 -10.53 26.83
C ILE B 279 14.94 -10.34 28.08
N SER B 280 14.98 -9.12 28.62
CA SER B 280 14.02 -8.70 29.60
C SER B 280 13.55 -7.35 29.14
N SER B 281 12.31 -7.29 28.63
CA SER B 281 11.74 -6.03 28.17
C SER B 281 11.62 -5.01 29.31
N GLY B 282 11.44 -5.50 30.53
CA GLY B 282 11.40 -4.66 31.72
C GLY B 282 12.72 -4.01 32.09
N GLN B 283 13.80 -4.79 32.07
CA GLN B 283 15.10 -4.31 32.52
C GLN B 283 16.01 -3.78 31.41
N ASP B 284 15.62 -4.02 30.15
CA ASP B 284 16.47 -3.68 28.98
C ASP B 284 17.56 -4.70 28.67
N TRP B 285 17.63 -5.78 29.45
CA TRP B 285 18.65 -6.81 29.21
C TRP B 285 18.59 -7.36 27.82
N ASN B 286 19.68 -7.20 27.09
CA ASN B 286 19.89 -7.78 25.76
C ASN B 286 19.12 -7.17 24.60
N LEU B 287 18.49 -6.02 24.82
CA LEU B 287 17.81 -5.36 23.71
C LEU B 287 18.84 -4.93 22.65
N ASP B 288 20.03 -4.55 23.13
CA ASP B 288 21.14 -4.26 22.24
C ASP B 288 21.46 -5.46 21.33
N GLU B 289 21.59 -6.64 21.93
CA GLU B 289 21.88 -7.85 21.18
C GLU B 289 20.75 -8.16 20.21
N LEU B 290 19.51 -7.94 20.65
CA LEU B 290 18.36 -8.17 19.80
C LEU B 290 18.45 -7.32 18.53
N LEU B 291 18.81 -6.05 18.68
CA LEU B 291 18.91 -5.18 17.52
C LEU B 291 20.03 -5.63 16.60
N GLN B 292 21.18 -5.99 17.19
CA GLN B 292 22.31 -6.49 16.43
C GLN B 292 21.97 -7.72 15.60
N VAL B 293 21.30 -8.68 16.23
CA VAL B 293 20.87 -9.87 15.52
C VAL B 293 19.84 -9.55 14.43
N MET B 294 18.87 -8.69 14.76
CA MET B 294 17.93 -8.22 13.76
C MET B 294 18.64 -7.71 12.51
N TRP B 295 19.64 -6.85 12.72
CA TRP B 295 20.41 -6.26 11.62
C TRP B 295 21.09 -7.32 10.79
N ASP B 296 21.69 -8.26 11.47
CA ASP B 296 22.42 -9.32 10.83
C ASP B 296 21.48 -10.22 10.00
N ARG B 297 20.32 -10.58 10.53
CA ARG B 297 19.46 -11.52 9.83
C ARG B 297 18.71 -10.86 8.67
N LEU B 298 18.47 -9.54 8.78
CA LEU B 298 17.85 -8.73 7.72
C LEU B 298 18.68 -8.73 6.44
N ASN B 299 19.99 -8.80 6.64
CA ASN B 299 20.93 -8.98 5.56
C ASN B 299 20.69 -8.01 4.40
N LEU B 300 20.82 -6.74 4.70
CA LEU B 300 20.58 -5.72 3.72
C LEU B 300 21.90 -5.23 3.17
N VAL B 301 21.83 -4.52 2.05
CA VAL B 301 23.00 -3.90 1.47
C VAL B 301 22.70 -2.40 1.35
N ARG B 302 23.65 -1.59 1.81
CA ARG B 302 23.52 -0.16 1.80
C ARG B 302 24.42 0.41 0.73
N ILE B 303 23.88 1.27 -0.12
CA ILE B 303 24.72 1.91 -1.14
C ILE B 303 24.63 3.41 -1.02
N TYR B 304 25.78 4.07 -0.98
CA TYR B 304 25.78 5.51 -0.83
C TYR B 304 25.79 6.20 -2.18
N THR B 305 25.05 7.28 -2.25
CA THR B 305 24.98 8.10 -3.45
C THR B 305 26.20 9.01 -3.47
N LYS B 306 26.69 9.30 -4.67
CA LYS B 306 27.78 10.26 -4.84
C LYS B 306 27.60 11.04 -6.14
N PRO B 307 27.48 12.37 -6.03
CA PRO B 307 27.41 13.27 -7.18
C PRO B 307 28.76 13.30 -7.89
N LYS B 308 28.76 13.68 -9.17
CA LYS B 308 29.93 13.50 -10.01
C LYS B 308 31.20 14.12 -9.42
N GLY B 309 31.11 15.38 -8.99
CA GLY B 309 32.29 16.09 -8.48
C GLY B 309 32.34 16.10 -6.97
N GLN B 310 31.16 15.94 -6.37
CA GLN B 310 31.01 16.09 -4.93
C GLN B 310 31.23 14.76 -4.20
N ILE B 311 31.49 14.85 -2.90
CA ILE B 311 31.66 13.68 -2.01
C ILE B 311 30.30 13.07 -1.65
N PRO B 312 30.28 11.78 -1.25
CA PRO B 312 29.02 11.08 -0.97
C PRO B 312 28.40 11.49 0.35
N ASP B 313 27.07 11.41 0.46
CA ASP B 313 26.44 11.49 1.78
C ASP B 313 26.34 10.06 2.30
N PHE B 314 26.59 9.91 3.58
CA PHE B 314 26.53 8.61 4.21
C PHE B 314 25.34 8.57 5.18
N THR B 315 24.45 9.54 5.02
CA THR B 315 23.31 9.68 5.91
C THR B 315 22.11 8.86 5.43
N ASP B 316 21.84 8.91 4.13
CA ASP B 316 20.67 8.24 3.56
C ASP B 316 21.02 7.29 2.42
N PRO B 317 21.75 6.22 2.73
CA PRO B 317 22.02 5.24 1.67
C PRO B 317 20.73 4.67 1.07
N VAL B 318 20.76 4.23 -0.20
CA VAL B 318 19.68 3.34 -0.61
C VAL B 318 19.94 1.96 0.03
N VAL B 319 18.86 1.29 0.40
CA VAL B 319 18.96 0.02 1.08
C VAL B 319 18.29 -1.03 0.22
N LEU B 320 19.03 -2.10 -0.06
CA LEU B 320 18.54 -3.16 -0.93
C LEU B 320 18.62 -4.52 -0.25
N ARG B 321 17.78 -5.44 -0.71
CA ARG B 321 17.83 -6.83 -0.29
C ARG B 321 18.99 -7.52 -1.04
N SER B 322 19.66 -8.44 -0.36
CA SER B 322 20.85 -9.09 -0.91
C SER B 322 20.61 -9.96 -2.15
N ASP B 323 19.42 -10.54 -2.27
CA ASP B 323 19.10 -11.29 -3.49
C ASP B 323 18.56 -10.38 -4.61
N ARG B 324 18.62 -9.07 -4.41
CA ARG B 324 18.08 -8.11 -5.37
C ARG B 324 18.77 -6.76 -5.28
N CYS B 325 20.06 -6.71 -5.62
CA CYS B 325 20.86 -5.51 -5.39
C CYS B 325 21.81 -5.13 -6.53
N SER B 326 21.32 -5.27 -7.76
CA SER B 326 22.05 -4.80 -8.93
C SER B 326 21.89 -3.28 -9.05
N VAL B 327 22.65 -2.68 -9.97
CA VAL B 327 22.62 -1.23 -10.16
C VAL B 327 21.23 -0.77 -10.61
N LYS B 328 20.60 -1.60 -11.42
CA LYS B 328 19.21 -1.44 -11.82
C LYS B 328 18.31 -1.20 -10.61
N ASP B 329 18.40 -2.12 -9.64
CA ASP B 329 17.58 -2.07 -8.43
C ASP B 329 17.86 -0.77 -7.68
N PHE B 330 19.14 -0.45 -7.59
CA PHE B 330 19.59 0.83 -7.06
C PHE B 330 18.84 1.98 -7.73
N CYS B 331 18.89 2.05 -9.06
CA CYS B 331 18.27 3.16 -9.79
C CYS B 331 16.78 3.20 -9.56
N ASN B 332 16.16 2.03 -9.57
CA ASN B 332 14.72 1.95 -9.40
C ASN B 332 14.20 2.37 -8.04
N GLN B 333 15.09 2.40 -7.05
CA GLN B 333 14.73 2.94 -5.75
C GLN B 333 14.85 4.47 -5.67
N ILE B 334 15.80 5.05 -6.39
CA ILE B 334 16.00 6.50 -6.41
C ILE B 334 14.83 7.14 -7.13
N HIS B 335 14.59 6.66 -8.35
CA HIS B 335 13.48 7.10 -9.17
C HIS B 335 13.22 6.11 -10.27
N LYS B 336 11.95 5.73 -10.38
CA LYS B 336 11.47 4.68 -11.27
C LYS B 336 11.78 4.93 -12.76
N SER B 337 12.22 6.14 -13.08
CA SER B 337 12.56 6.49 -14.47
C SER B 337 14.06 6.65 -14.73
N LEU B 338 14.88 6.39 -13.72
CA LEU B 338 16.32 6.58 -13.88
C LEU B 338 16.90 5.66 -14.95
N VAL B 339 16.56 4.37 -14.85
CA VAL B 339 16.93 3.35 -15.84
C VAL B 339 16.82 3.87 -17.28
N ASP B 340 15.80 4.67 -17.55
CA ASP B 340 15.58 5.22 -18.87
C ASP B 340 16.67 6.19 -19.30
N ASP B 341 17.29 6.85 -18.33
CA ASP B 341 18.33 7.86 -18.61
C ASP B 341 19.75 7.38 -18.34
N PHE B 342 19.88 6.13 -17.89
CA PHE B 342 21.17 5.52 -17.60
C PHE B 342 22.15 5.53 -18.79
N ARG B 343 23.34 6.09 -18.58
CA ARG B 343 24.46 5.94 -19.52
C ARG B 343 25.54 5.05 -18.90
N ASN B 344 25.96 5.38 -17.67
CA ASN B 344 27.01 4.65 -16.98
C ASN B 344 26.95 4.79 -15.46
N ALA B 345 27.58 3.84 -14.77
CA ALA B 345 27.68 3.91 -13.31
C ALA B 345 29.15 3.81 -12.90
N LEU B 346 29.53 4.61 -11.91
CA LEU B 346 30.88 4.63 -11.41
C LEU B 346 30.81 4.14 -9.97
N VAL B 347 31.55 3.08 -9.66
CA VAL B 347 31.41 2.37 -8.38
C VAL B 347 32.72 2.34 -7.61
N TYR B 348 32.63 2.62 -6.31
CA TYR B 348 33.74 2.41 -5.39
C TYR B 348 33.32 1.36 -4.39
N GLY B 349 34.20 0.40 -4.12
CA GLY B 349 33.93 -0.59 -3.08
C GLY B 349 34.29 -2.02 -3.36
N SER B 350 33.71 -2.92 -2.58
CA SER B 350 34.09 -4.32 -2.59
C SER B 350 33.57 -5.12 -3.80
N SER B 351 32.42 -4.71 -4.35
CA SER B 351 31.79 -5.43 -5.46
C SER B 351 32.60 -5.31 -6.73
N VAL B 352 33.59 -4.42 -6.67
CA VAL B 352 34.36 -4.00 -7.82
C VAL B 352 35.86 -4.09 -7.49
N LYS B 353 36.69 -4.22 -8.52
CA LYS B 353 38.11 -4.53 -8.31
C LYS B 353 39.08 -3.38 -8.65
N HIS B 354 38.58 -2.33 -9.29
CA HIS B 354 39.34 -1.10 -9.48
C HIS B 354 38.61 -0.01 -8.79
N GLN B 355 39.32 1.00 -8.31
CA GLN B 355 38.66 2.02 -7.48
C GLN B 355 38.81 3.44 -8.05
N PRO B 356 37.79 3.92 -8.78
CA PRO B 356 36.53 3.24 -9.07
C PRO B 356 36.55 2.39 -10.35
N GLN B 357 35.42 1.76 -10.67
CA GLN B 357 35.20 1.08 -11.95
C GLN B 357 33.91 1.56 -12.61
N TYR B 358 33.91 1.58 -13.94
CA TYR B 358 32.65 1.74 -14.66
C TYR B 358 31.91 0.41 -14.69
N VAL B 359 30.58 0.49 -14.59
CA VAL B 359 29.77 -0.70 -14.37
C VAL B 359 28.41 -0.60 -15.06
N GLY B 360 27.87 -1.76 -15.45
CA GLY B 360 26.57 -1.87 -16.13
C GLY B 360 25.40 -1.99 -15.17
N LEU B 361 24.19 -2.03 -15.74
CA LEU B 361 22.97 -2.15 -14.93
C LEU B 361 22.88 -3.49 -14.19
N SER B 362 23.46 -4.53 -14.78
CA SER B 362 23.43 -5.87 -14.21
C SER B 362 24.38 -6.09 -13.01
N HIS B 363 25.30 -5.16 -12.77
CA HIS B 363 26.30 -5.32 -11.71
C HIS B 363 25.72 -5.45 -10.34
N ILE B 364 26.19 -6.48 -9.63
CA ILE B 364 25.73 -6.75 -8.28
C ILE B 364 26.48 -5.85 -7.30
N LEU B 365 25.73 -5.04 -6.56
CA LEU B 365 26.34 -4.17 -5.55
C LEU B 365 26.62 -4.90 -4.24
N GLU B 366 27.46 -4.29 -3.42
CA GLU B 366 27.81 -4.85 -2.10
C GLU B 366 27.77 -3.80 -1.01
N ASP B 367 27.51 -4.23 0.22
CA ASP B 367 27.36 -3.34 1.36
C ASP B 367 28.38 -2.21 1.37
N GLU B 368 27.88 -0.98 1.36
CA GLU B 368 28.69 0.22 1.52
C GLU B 368 29.50 0.60 0.30
N ASP B 369 29.05 0.12 -0.86
CA ASP B 369 29.54 0.63 -2.14
C ASP B 369 29.15 2.09 -2.29
N VAL B 370 29.93 2.80 -3.09
CA VAL B 370 29.64 4.19 -3.39
C VAL B 370 29.40 4.29 -4.88
N VAL B 371 28.29 4.93 -5.26
CA VAL B 371 27.84 4.93 -6.65
C VAL B 371 27.48 6.32 -7.21
N THR B 372 28.02 6.63 -8.38
CA THR B 372 27.60 7.78 -9.16
C THR B 372 26.88 7.28 -10.41
N ILE B 373 25.68 7.79 -10.66
CA ILE B 373 25.01 7.50 -11.92
C ILE B 373 25.30 8.60 -12.93
N LEU B 374 25.64 8.21 -14.15
CA LEU B 374 25.91 9.16 -15.23
C LEU B 374 24.75 9.08 -16.21
N LYS B 375 24.35 10.23 -16.75
CA LYS B 375 23.07 10.31 -17.45
C LYS B 375 23.13 10.90 -18.85
N LYS B 376 22.01 11.49 -19.32
CA LYS B 376 21.86 12.03 -20.68
C LYS B 376 22.15 10.98 -21.77
N LEU C 11 -35.61 28.37 -20.31
CA LEU C 11 -34.61 28.56 -19.22
C LEU C 11 -33.17 28.37 -19.72
N GLU C 12 -32.95 27.33 -20.54
CA GLU C 12 -31.65 27.03 -21.20
C GLU C 12 -30.40 27.09 -20.31
N LYS C 13 -29.25 27.43 -20.92
CA LYS C 13 -27.98 27.62 -20.20
C LYS C 13 -28.09 28.77 -19.19
N GLN C 14 -28.16 28.42 -17.90
CA GLN C 14 -28.28 29.40 -16.82
C GLN C 14 -26.98 29.54 -16.01
N PRO C 15 -26.73 30.74 -15.42
CA PRO C 15 -25.45 30.94 -14.76
C PRO C 15 -25.34 30.07 -13.53
N LYS C 16 -24.15 29.52 -13.31
CA LYS C 16 -23.91 28.66 -12.17
C LYS C 16 -23.83 29.44 -10.87
N ILE C 17 -24.10 28.75 -9.76
CA ILE C 17 -24.08 29.40 -8.44
C ILE C 17 -23.28 28.58 -7.43
N THR C 18 -22.86 29.21 -6.35
CA THR C 18 -22.26 28.48 -5.25
C THR C 18 -23.34 28.10 -4.26
N LEU C 19 -22.99 27.15 -3.39
CA LEU C 19 -23.85 26.78 -2.28
C LEU C 19 -24.03 27.97 -1.34
N GLU C 20 -23.01 28.82 -1.24
CA GLU C 20 -23.08 30.06 -0.46
C GLU C 20 -24.12 30.97 -1.08
N GLU C 21 -24.01 31.19 -2.39
CA GLU C 21 -24.95 32.04 -3.11
C GLU C 21 -26.38 31.52 -2.96
N PHE C 22 -26.52 30.21 -3.01
CA PHE C 22 -27.81 29.54 -2.84
C PHE C 22 -28.43 29.85 -1.49
N ILE C 23 -27.64 29.69 -0.43
CA ILE C 23 -28.12 29.91 0.93
C ILE C 23 -28.40 31.38 1.18
N GLU C 24 -27.52 32.24 0.68
CA GLU C 24 -27.55 33.61 1.11
C GLU C 24 -28.49 34.49 0.30
N THR C 25 -28.70 34.19 -0.97
CA THR C 25 -29.49 35.07 -1.84
C THR C 25 -30.47 34.35 -2.78
N GLU C 26 -30.05 33.22 -3.34
CA GLU C 26 -30.82 32.61 -4.44
C GLU C 26 -32.12 32.00 -3.98
N ARG C 27 -32.04 31.24 -2.90
CA ARG C 27 -33.19 30.60 -2.29
C ARG C 27 -34.27 31.60 -1.92
N GLY C 28 -33.86 32.82 -1.58
CA GLY C 28 -34.80 33.83 -1.13
C GLY C 28 -35.50 34.59 -2.24
N LYS C 29 -35.01 34.45 -3.47
CA LYS C 29 -35.64 35.09 -4.62
C LYS C 29 -36.99 34.43 -4.93
N LEU C 30 -37.14 33.19 -4.48
CA LEU C 30 -38.32 32.38 -4.72
C LEU C 30 -39.52 32.83 -3.92
N ASP C 31 -40.67 32.92 -4.58
CA ASP C 31 -41.92 33.22 -3.90
C ASP C 31 -42.40 31.97 -3.17
N LYS C 32 -42.40 32.01 -1.85
CA LYS C 32 -42.63 30.82 -1.02
C LYS C 32 -44.03 30.22 -1.16
N SER C 33 -44.99 31.07 -1.49
CA SER C 33 -46.38 30.63 -1.64
C SER C 33 -46.65 30.01 -3.01
N LYS C 34 -45.62 29.87 -3.83
CA LYS C 34 -45.75 29.24 -5.15
C LYS C 34 -45.01 27.91 -5.20
N LEU C 35 -44.30 27.59 -4.13
CA LEU C 35 -43.47 26.40 -4.11
C LEU C 35 -44.25 25.09 -4.27
N THR C 36 -43.64 24.12 -4.92
CA THR C 36 -44.27 22.86 -5.08
C THR C 36 -43.73 21.94 -4.01
N PRO C 37 -44.63 21.42 -3.17
CA PRO C 37 -44.21 20.55 -2.07
C PRO C 37 -43.40 19.37 -2.61
N ILE C 38 -42.35 18.97 -1.89
CA ILE C 38 -41.57 17.82 -2.29
C ILE C 38 -42.11 16.56 -1.61
N THR C 39 -43.28 16.13 -2.06
CA THR C 39 -43.90 14.88 -1.62
C THR C 39 -43.35 13.75 -2.47
N ILE C 40 -43.67 12.50 -2.09
CA ILE C 40 -43.32 11.34 -2.90
C ILE C 40 -43.82 11.46 -4.35
N ALA C 41 -45.06 11.94 -4.52
CA ALA C 41 -45.66 12.05 -5.83
C ALA C 41 -44.96 13.15 -6.65
N ASN C 42 -44.78 14.32 -6.05
CA ASN C 42 -44.16 15.42 -6.78
C ASN C 42 -42.71 15.11 -7.12
N PHE C 43 -42.01 14.41 -6.23
CA PHE C 43 -40.63 14.05 -6.52
C PHE C 43 -40.59 13.07 -7.68
N ALA C 44 -41.45 12.05 -7.64
CA ALA C 44 -41.48 11.08 -8.73
C ALA C 44 -41.69 11.76 -10.09
N GLN C 45 -42.55 12.77 -10.15
CA GLN C 45 -42.80 13.48 -11.42
C GLN C 45 -41.52 14.26 -11.82
N TRP C 46 -40.87 14.87 -10.84
CA TRP C 46 -39.68 15.64 -11.12
C TRP C 46 -38.57 14.74 -11.60
N LYS C 47 -38.44 13.59 -10.94
CA LYS C 47 -37.42 12.58 -11.26
C LYS C 47 -37.66 12.06 -12.68
N LYS C 48 -38.93 11.85 -13.03
CA LYS C 48 -39.26 11.32 -14.35
C LYS C 48 -38.69 12.26 -15.40
N ASP C 49 -38.93 13.56 -15.23
CA ASP C 49 -38.42 14.54 -16.17
C ASP C 49 -36.91 14.70 -16.10
N HIS C 50 -36.35 14.59 -14.90
CA HIS C 50 -34.91 14.69 -14.71
C HIS C 50 -34.19 13.66 -15.54
N VAL C 51 -34.64 12.42 -15.46
CA VAL C 51 -33.98 11.30 -16.12
C VAL C 51 -34.15 11.43 -17.64
N ILE C 52 -35.34 11.86 -18.06
CA ILE C 52 -35.60 12.04 -19.48
C ILE C 52 -34.66 13.08 -20.09
N ALA C 53 -34.35 14.14 -19.36
CA ALA C 53 -33.42 15.14 -19.86
C ALA C 53 -32.01 14.56 -20.01
N LYS C 54 -31.60 13.74 -19.03
CA LYS C 54 -30.26 13.12 -19.10
C LYS C 54 -30.16 12.33 -20.36
N ILE C 55 -31.16 11.49 -20.60
CA ILE C 55 -31.20 10.66 -21.78
C ILE C 55 -31.09 11.50 -23.06
N ASN C 56 -31.82 12.60 -23.12
CA ASN C 56 -31.72 13.50 -24.28
C ASN C 56 -30.36 14.17 -24.43
N ALA C 57 -29.77 14.58 -23.33
CA ALA C 57 -28.42 15.16 -23.32
C ALA C 57 -27.38 14.15 -23.81
N GLU C 58 -27.52 12.91 -23.33
CA GLU C 58 -26.60 11.82 -23.63
C GLU C 58 -26.69 11.41 -25.11
N LYS C 59 -27.92 11.35 -25.61
CA LYS C 59 -28.21 11.09 -27.01
C LYS C 59 -27.40 12.02 -27.93
N LYS C 60 -27.35 13.31 -27.56
CA LYS C 60 -26.62 14.31 -28.33
C LYS C 60 -25.11 14.10 -28.23
N LEU C 61 -24.63 13.69 -27.05
CA LEU C 61 -23.20 13.44 -26.84
C LEU C 61 -22.73 12.18 -27.57
N SER C 62 -23.57 11.16 -27.58
CA SER C 62 -23.29 9.89 -28.29
C SER C 62 -23.01 10.07 -29.77
N SER C 63 -23.71 11.01 -30.39
CA SER C 63 -23.56 11.28 -31.81
C SER C 63 -22.18 11.86 -32.12
N LYS C 64 -21.55 12.43 -31.10
CA LYS C 64 -20.30 13.16 -31.26
C LYS C 64 -19.12 12.43 -30.67
N ARG C 65 -19.39 11.48 -29.77
CA ARG C 65 -18.33 10.69 -29.16
C ARG C 65 -17.87 9.60 -30.12
N LYS C 66 -16.56 9.33 -30.12
CA LYS C 66 -16.00 8.20 -30.85
C LYS C 66 -16.64 6.93 -30.31
N PRO C 67 -16.95 5.97 -31.19
CA PRO C 67 -17.53 4.71 -30.72
C PRO C 67 -16.55 3.90 -29.85
N THR C 68 -17.08 3.16 -28.87
CA THR C 68 -16.22 2.34 -28.01
C THR C 68 -15.85 1.05 -28.73
N GLY C 69 -14.80 0.39 -28.26
CA GLY C 69 -14.43 -0.93 -28.76
C GLY C 69 -15.63 -1.88 -28.70
N ARG C 70 -16.40 -1.78 -27.62
CA ARG C 70 -17.59 -2.57 -27.46
C ARG C 70 -18.58 -2.25 -28.58
N GLU C 71 -18.88 -0.97 -28.75
CA GLU C 71 -19.82 -0.49 -29.78
C GLU C 71 -19.40 -0.86 -31.20
N ILE C 72 -18.10 -0.86 -31.45
CA ILE C 72 -17.52 -1.21 -32.75
C ILE C 72 -17.76 -2.68 -33.08
N ILE C 73 -17.42 -3.56 -32.15
CA ILE C 73 -17.69 -5.00 -32.30
C ILE C 73 -19.18 -5.24 -32.56
N LEU C 74 -20.04 -4.52 -31.85
CA LEU C 74 -21.49 -4.67 -31.98
C LEU C 74 -22.01 -4.33 -33.37
N LYS C 75 -21.40 -3.34 -34.03
CA LYS C 75 -21.72 -3.02 -35.42
C LYS C 75 -21.29 -4.19 -36.28
N MET C 76 -20.02 -4.55 -36.15
CA MET C 76 -19.43 -5.65 -36.89
C MET C 76 -20.20 -6.94 -36.71
N SER C 77 -20.73 -7.15 -35.51
CA SER C 77 -21.52 -8.34 -35.19
C SER C 77 -22.92 -8.31 -35.82
N ALA C 78 -23.64 -7.20 -35.66
CA ALA C 78 -25.03 -7.10 -36.07
C ALA C 78 -25.20 -7.12 -37.58
N GLU C 79 -24.23 -6.52 -38.29
CA GLU C 79 -24.25 -6.55 -39.74
C GLU C 79 -23.72 -7.88 -40.26
N ALA C 99 -1.69 -16.56 -31.71
CA ALA C 99 -2.93 -16.80 -30.98
C ALA C 99 -2.62 -17.30 -29.56
N TRP C 100 -3.11 -16.56 -28.57
CA TRP C 100 -2.77 -16.83 -27.18
C TRP C 100 -3.95 -17.29 -26.36
N ASP C 101 -3.86 -18.52 -25.84
CA ASP C 101 -4.91 -19.08 -24.99
C ASP C 101 -4.72 -18.65 -23.53
N LEU C 102 -5.46 -17.63 -23.12
CA LEU C 102 -5.32 -17.09 -21.76
C LEU C 102 -6.33 -17.65 -20.76
N THR C 103 -7.25 -18.49 -21.23
CA THR C 103 -8.30 -19.11 -20.41
C THR C 103 -7.89 -19.40 -18.96
N GLU C 104 -6.81 -20.15 -18.80
CA GLU C 104 -6.33 -20.58 -17.48
C GLU C 104 -6.08 -19.40 -16.53
N PHE C 105 -5.48 -18.33 -17.07
CA PHE C 105 -5.16 -17.14 -16.27
C PHE C 105 -6.41 -16.30 -15.99
N THR C 106 -7.26 -16.12 -16.99
CA THR C 106 -8.50 -15.37 -16.83
C THR C 106 -9.47 -16.07 -15.87
N ASP C 107 -9.74 -17.36 -16.10
CA ASP C 107 -10.61 -18.12 -15.20
C ASP C 107 -10.19 -17.89 -13.76
N ALA C 108 -8.90 -18.01 -13.49
CA ALA C 108 -8.32 -17.81 -12.17
C ALA C 108 -8.53 -16.39 -11.65
N LEU C 109 -8.47 -15.43 -12.56
CA LEU C 109 -8.57 -14.02 -12.21
C LEU C 109 -9.97 -13.65 -11.75
N LYS C 110 -10.99 -14.08 -12.51
CA LYS C 110 -12.37 -13.78 -12.16
C LYS C 110 -12.81 -14.59 -10.92
N LYS C 111 -12.26 -15.79 -10.77
CA LYS C 111 -12.48 -16.56 -9.56
C LYS C 111 -12.01 -15.78 -8.34
N ALA C 112 -10.75 -15.35 -8.37
CA ALA C 112 -10.17 -14.49 -7.35
C ALA C 112 -10.98 -13.20 -7.15
N ASP C 113 -11.34 -12.56 -8.26
CA ASP C 113 -12.12 -11.32 -8.26
C ASP C 113 -13.50 -11.49 -7.59
N HIS C 114 -14.07 -12.68 -7.74
CA HIS C 114 -15.42 -12.96 -7.23
C HIS C 114 -15.46 -13.74 -5.94
N GLN C 115 -14.33 -14.19 -5.41
CA GLN C 115 -14.35 -15.05 -4.22
C GLN C 115 -14.96 -14.39 -2.97
N ASP C 116 -14.78 -13.09 -2.81
CA ASP C 116 -15.28 -12.40 -1.63
C ASP C 116 -16.65 -11.78 -1.85
N ASP C 117 -17.29 -12.17 -2.96
CA ASP C 117 -18.57 -11.59 -3.38
C ASP C 117 -19.67 -11.58 -2.32
N GLY C 118 -19.64 -12.55 -1.40
CA GLY C 118 -20.62 -12.62 -0.32
C GLY C 118 -20.79 -11.33 0.48
N GLY C 119 -19.68 -10.66 0.76
CA GLY C 119 -19.71 -9.45 1.58
C GLY C 119 -19.70 -8.15 0.79
N ILE C 120 -19.97 -8.25 -0.51
CA ILE C 120 -19.90 -7.11 -1.40
C ILE C 120 -21.21 -6.94 -2.14
N LYS C 121 -21.84 -5.78 -1.99
CA LYS C 121 -23.06 -5.44 -2.70
C LYS C 121 -22.77 -5.14 -4.17
N ASP C 122 -23.47 -5.85 -5.05
CA ASP C 122 -23.28 -5.70 -6.48
C ASP C 122 -24.40 -4.89 -7.10
N TYR C 123 -24.05 -3.72 -7.63
CA TYR C 123 -25.00 -2.85 -8.28
C TYR C 123 -25.21 -3.19 -9.76
N GLY C 124 -24.55 -4.25 -10.23
CA GLY C 124 -24.64 -4.64 -11.62
C GLY C 124 -24.29 -3.48 -12.53
N ASP C 125 -25.19 -3.16 -13.46
CA ASP C 125 -24.92 -2.11 -14.45
C ASP C 125 -25.30 -0.71 -13.95
N GLY C 126 -25.76 -0.65 -12.70
CA GLY C 126 -26.11 0.61 -12.10
C GLY C 126 -27.52 1.08 -12.37
N SER C 127 -28.29 0.34 -13.16
CA SER C 127 -29.69 0.73 -13.35
C SER C 127 -30.58 0.26 -12.20
N ASN C 128 -31.61 1.06 -11.90
CA ASN C 128 -32.58 0.76 -10.85
C ASN C 128 -32.02 0.12 -9.59
N PRO C 129 -31.13 0.83 -8.89
CA PRO C 129 -30.57 0.20 -7.70
C PRO C 129 -31.58 0.18 -6.55
N THR C 130 -31.43 -0.75 -5.62
CA THR C 130 -32.25 -0.79 -4.41
C THR C 130 -31.30 -0.66 -3.24
N PHE C 131 -31.85 -0.28 -2.08
CA PHE C 131 -31.07 0.11 -0.95
C PHE C 131 -31.50 -0.52 0.37
N ASP C 132 -31.78 -1.82 0.34
CA ASP C 132 -32.01 -2.59 1.56
C ASP C 132 -30.72 -2.75 2.37
N ILE C 133 -30.86 -2.62 3.70
CA ILE C 133 -29.73 -2.78 4.64
C ILE C 133 -29.72 -4.17 5.27
N LYS C 134 -28.56 -4.85 5.23
CA LYS C 134 -28.40 -6.14 5.90
C LYS C 134 -27.83 -6.06 7.33
N LYS C 135 -27.93 -7.17 8.06
CA LYS C 135 -27.58 -7.30 9.50
C LYS C 135 -28.12 -6.16 10.34
N LEU D 11 35.90 -24.22 27.97
CA LEU D 11 34.82 -24.29 26.94
C LEU D 11 35.32 -24.86 25.60
N GLU D 12 34.41 -25.51 24.87
CA GLU D 12 34.67 -26.01 23.52
C GLU D 12 33.35 -26.04 22.72
N LYS D 13 33.24 -26.97 21.77
CA LYS D 13 32.04 -27.07 20.91
C LYS D 13 30.78 -27.53 21.66
N GLN D 14 29.61 -27.09 21.20
CA GLN D 14 28.35 -27.38 21.89
C GLN D 14 27.25 -27.90 20.98
N PRO D 15 26.45 -28.87 21.46
CA PRO D 15 25.33 -29.36 20.66
C PRO D 15 24.10 -28.45 20.77
N LYS D 16 23.56 -28.07 19.63
CA LYS D 16 22.39 -27.21 19.57
C LYS D 16 21.14 -27.90 20.13
N ILE D 17 20.36 -27.17 20.91
CA ILE D 17 19.08 -27.68 21.43
C ILE D 17 17.91 -26.87 20.86
N THR D 18 16.70 -27.41 20.94
CA THR D 18 15.50 -26.67 20.54
C THR D 18 14.86 -26.15 21.82
N LEU D 19 13.97 -25.16 21.68
CA LEU D 19 13.21 -24.67 22.83
C LEU D 19 12.35 -25.77 23.47
N GLU D 20 11.93 -26.74 22.65
CA GLU D 20 11.24 -27.93 23.16
C GLU D 20 12.16 -28.66 24.12
N GLU D 21 13.36 -29.01 23.68
CA GLU D 21 14.29 -29.81 24.48
C GLU D 21 14.68 -29.10 25.77
N PHE D 22 14.84 -27.78 25.67
CA PHE D 22 15.21 -26.94 26.82
C PHE D 22 14.17 -26.98 27.94
N ILE D 23 12.91 -26.73 27.61
CA ILE D 23 11.83 -26.73 28.60
C ILE D 23 11.63 -28.11 29.22
N GLU D 24 11.60 -29.14 28.38
CA GLU D 24 11.14 -30.45 28.80
C GLU D 24 12.19 -31.36 29.43
N THR D 25 13.46 -31.06 29.22
CA THR D 25 14.53 -31.87 29.81
C THR D 25 15.74 -31.08 30.25
N GLU D 26 16.22 -30.17 29.40
CA GLU D 26 17.53 -29.53 29.60
C GLU D 26 17.60 -28.65 30.82
N ARG D 27 16.60 -27.78 30.97
CA ARG D 27 16.42 -26.96 32.15
C ARG D 27 16.35 -27.82 33.43
N GLY D 28 15.64 -28.95 33.36
CA GLY D 28 15.50 -29.85 34.50
C GLY D 28 16.77 -30.59 34.88
N LYS D 29 17.78 -30.55 34.01
CA LYS D 29 19.05 -31.24 34.25
C LYS D 29 19.96 -30.47 35.20
N LEU D 30 19.73 -29.17 35.31
CA LEU D 30 20.58 -28.29 36.12
C LEU D 30 20.47 -28.56 37.62
N ASP D 31 21.57 -28.35 38.33
CA ASP D 31 21.61 -28.54 39.79
C ASP D 31 20.89 -27.36 40.46
N LYS D 32 19.66 -27.60 40.89
CA LYS D 32 18.75 -26.50 41.32
C LYS D 32 19.23 -25.75 42.56
N SER D 33 19.96 -26.44 43.42
CA SER D 33 20.50 -25.85 44.64
C SER D 33 21.69 -24.94 44.35
N LYS D 34 22.31 -25.14 43.19
CA LYS D 34 23.52 -24.40 42.83
C LYS D 34 23.35 -23.42 41.68
N LEU D 35 22.13 -22.94 41.45
CA LEU D 35 21.88 -21.96 40.38
C LEU D 35 21.58 -20.50 40.81
N THR D 36 22.13 -19.54 40.06
CA THR D 36 22.21 -18.14 40.48
C THR D 36 21.06 -17.24 39.99
N PRO D 37 20.16 -16.80 40.90
CA PRO D 37 19.14 -15.81 40.55
C PRO D 37 19.74 -14.57 39.89
N ILE D 38 19.18 -14.14 38.78
CA ILE D 38 19.70 -13.00 38.03
C ILE D 38 19.37 -11.70 38.77
N THR D 39 20.38 -10.84 38.88
CA THR D 39 20.21 -9.48 39.40
C THR D 39 20.94 -8.53 38.45
N ILE D 40 20.62 -7.25 38.53
CA ILE D 40 21.29 -6.21 37.75
C ILE D 40 22.81 -6.39 37.83
N ALA D 41 23.30 -6.73 39.03
CA ALA D 41 24.73 -6.89 39.30
C ALA D 41 25.35 -8.09 38.57
N ASN D 42 24.86 -9.30 38.79
CA ASN D 42 25.50 -10.44 38.12
C ASN D 42 25.18 -10.56 36.62
N PHE D 43 24.06 -10.00 36.17
CA PHE D 43 23.78 -9.92 34.75
C PHE D 43 24.78 -9.00 34.07
N ALA D 44 25.09 -7.87 34.70
CA ALA D 44 26.11 -6.98 34.18
C ALA D 44 27.45 -7.71 34.02
N GLN D 45 27.80 -8.55 34.99
CA GLN D 45 29.02 -9.38 34.94
C GLN D 45 28.94 -10.42 33.81
N TRP D 46 27.78 -11.03 33.67
CA TRP D 46 27.59 -12.03 32.64
C TRP D 46 27.70 -11.36 31.29
N LYS D 47 27.07 -10.20 31.17
CA LYS D 47 27.02 -9.45 29.93
C LYS D 47 28.43 -9.09 29.44
N LYS D 48 29.26 -8.59 30.35
CA LYS D 48 30.63 -8.21 29.99
C LYS D 48 31.37 -9.39 29.37
N ASP D 49 31.25 -10.55 30.01
CA ASP D 49 31.92 -11.75 29.56
C ASP D 49 31.36 -12.20 28.23
N HIS D 50 30.04 -12.01 28.07
CA HIS D 50 29.31 -12.43 26.91
C HIS D 50 29.74 -11.63 25.70
N VAL D 51 29.82 -10.31 25.88
CA VAL D 51 30.13 -9.41 24.77
C VAL D 51 31.58 -9.63 24.31
N ILE D 52 32.49 -9.71 25.27
CA ILE D 52 33.89 -9.91 25.00
C ILE D 52 34.18 -11.26 24.33
N ALA D 53 33.48 -12.31 24.77
CA ALA D 53 33.60 -13.61 24.12
C ALA D 53 33.18 -13.51 22.66
N LYS D 54 32.14 -12.72 22.41
CA LYS D 54 31.62 -12.46 21.08
C LYS D 54 32.70 -11.76 20.24
N ILE D 55 33.28 -10.69 20.78
CA ILE D 55 34.34 -9.97 20.09
C ILE D 55 35.52 -10.91 19.74
N ASN D 56 35.90 -11.78 20.66
CA ASN D 56 37.06 -12.65 20.46
C ASN D 56 36.87 -13.78 19.43
N ALA D 57 35.72 -14.45 19.51
CA ALA D 57 35.42 -15.57 18.63
C ALA D 57 35.20 -15.10 17.18
N GLU D 58 34.62 -13.92 17.03
CA GLU D 58 34.25 -13.38 15.72
C GLU D 58 35.40 -12.69 15.00
N LYS D 59 36.40 -12.26 15.76
CA LYS D 59 37.57 -11.62 15.16
C LYS D 59 38.61 -12.68 14.80
N LYS D 60 38.19 -13.93 14.90
CA LYS D 60 38.92 -15.05 14.31
C LYS D 60 38.49 -15.20 12.85
N LEU D 61 37.29 -14.73 12.56
CA LEU D 61 36.67 -14.83 11.23
C LEU D 61 36.60 -13.47 10.50
N SER D 62 36.45 -12.39 11.28
CA SER D 62 36.14 -11.02 10.81
C SER D 62 37.00 -10.44 9.68
N SER D 63 38.19 -9.96 10.02
CA SER D 63 39.02 -9.18 9.09
C SER D 63 39.64 -9.99 7.94
N LYS D 64 38.87 -10.97 7.44
CA LYS D 64 39.25 -11.69 6.24
C LYS D 64 38.42 -11.19 5.06
N ARG D 65 38.05 -9.90 5.11
CA ARG D 65 37.18 -9.28 4.10
C ARG D 65 37.84 -8.10 3.35
N LYS D 66 37.15 -7.61 2.32
CA LYS D 66 37.61 -6.49 1.50
C LYS D 66 37.14 -5.14 2.07
N PRO D 67 37.85 -4.04 1.72
CA PRO D 67 37.42 -2.69 2.12
C PRO D 67 36.11 -2.26 1.45
N THR D 68 35.33 -1.42 2.13
CA THR D 68 34.07 -0.96 1.59
C THR D 68 34.28 0.31 0.78
N GLY D 69 33.28 0.64 -0.05
CA GLY D 69 33.27 1.91 -0.78
C GLY D 69 33.51 3.08 0.15
N ARG D 70 32.77 3.10 1.25
CA ARG D 70 32.94 4.11 2.31
C ARG D 70 34.40 4.21 2.75
N GLU D 71 34.95 3.08 3.19
CA GLU D 71 36.34 3.00 3.65
C GLU D 71 37.31 3.49 2.59
N ILE D 72 37.03 3.14 1.33
CA ILE D 72 37.89 3.51 0.21
C ILE D 72 37.89 5.02 -0.02
N ILE D 73 36.70 5.59 -0.26
CA ILE D 73 36.54 7.04 -0.36
C ILE D 73 37.29 7.77 0.76
N LEU D 74 37.13 7.31 2.00
CA LEU D 74 37.73 7.97 3.14
C LEU D 74 39.27 7.93 3.12
N LYS D 75 39.83 6.74 2.89
CA LYS D 75 41.29 6.63 2.70
C LYS D 75 41.77 7.54 1.58
N MET D 76 41.04 7.56 0.46
CA MET D 76 41.35 8.48 -0.63
C MET D 76 41.28 9.93 -0.14
N SER D 77 40.29 10.23 0.70
CA SER D 77 40.05 11.59 1.18
C SER D 77 41.17 12.17 2.07
N ALA D 78 42.09 11.31 2.52
CA ALA D 78 43.14 11.72 3.46
C ALA D 78 44.38 12.38 2.84
N GLU D 79 44.58 12.22 1.53
CA GLU D 79 45.76 12.75 0.85
C GLU D 79 45.42 13.91 -0.10
N ASP D 117 15.68 13.09 16.87
CA ASP D 117 14.47 12.48 16.33
C ASP D 117 13.60 13.46 15.51
N GLY D 118 12.88 12.94 14.52
CA GLY D 118 11.92 13.73 13.76
C GLY D 118 11.12 12.95 12.72
N GLY D 119 10.29 11.99 13.13
CA GLY D 119 10.21 11.49 14.52
C GLY D 119 10.84 10.10 14.64
N ILE D 120 11.97 9.92 13.97
CA ILE D 120 12.64 8.64 13.88
C ILE D 120 13.67 8.54 14.99
N LYS D 121 13.70 7.41 15.69
CA LYS D 121 14.74 7.18 16.67
C LYS D 121 15.99 6.63 15.99
N ASP D 122 17.12 7.28 16.22
CA ASP D 122 18.37 6.98 15.51
C ASP D 122 19.35 6.23 16.40
N TYR D 123 19.59 4.97 16.06
CA TYR D 123 20.53 4.17 16.83
C TYR D 123 21.96 4.44 16.43
N GLY D 124 22.13 5.22 15.37
CA GLY D 124 23.48 5.53 14.88
C GLY D 124 24.11 4.24 14.39
N ASP D 125 25.24 3.87 14.98
CA ASP D 125 25.95 2.66 14.56
C ASP D 125 25.61 1.43 15.41
N GLY D 126 24.71 1.61 16.38
CA GLY D 126 24.27 0.51 17.21
C GLY D 126 24.97 0.32 18.55
N SER D 127 26.16 0.87 18.70
CA SER D 127 26.87 0.77 19.97
C SER D 127 26.13 1.53 21.06
N ASN D 128 26.28 1.08 22.30
CA ASN D 128 25.58 1.64 23.47
C ASN D 128 24.20 2.27 23.20
N PRO D 129 23.21 1.43 22.82
CA PRO D 129 21.86 1.97 22.65
C PRO D 129 21.18 2.28 23.99
N THR D 130 20.21 3.19 23.96
CA THR D 130 19.39 3.53 25.13
C THR D 130 17.92 3.33 24.77
N PHE D 131 17.08 3.14 25.80
CA PHE D 131 15.70 2.70 25.58
C PHE D 131 14.66 3.49 26.37
N ASP D 132 14.86 4.80 26.47
CA ASP D 132 13.96 5.70 27.18
C ASP D 132 12.71 5.96 26.35
N ILE D 133 11.56 6.04 27.02
CA ILE D 133 10.27 6.34 26.37
C ILE D 133 9.79 7.74 26.74
#